data_4YUA
#
_entry.id   4YUA
#
_cell.length_a   128.480
_cell.length_b   128.480
_cell.length_c   116.290
_cell.angle_alpha   90.00
_cell.angle_beta   90.00
_cell.angle_gamma   90.00
#
_symmetry.space_group_name_H-M   'P 43 21 2'
#
loop_
_entity.id
_entity.type
_entity.pdbx_description
1 polymer 'Glycogen phosphorylase, muscle form'
2 non-polymer "PYRIDOXAL-5'-PHOSPHATE"
3 non-polymer 2,3,7,8-tetrahydroxychromeno[5,4,3-cde]chromene-5,10-dione
4 water water
#
_entity_poly.entity_id   1
_entity_poly.type   'polypeptide(L)'
_entity_poly.pdbx_seq_one_letter_code
;MSRPLSDQEKRKQISVRGLAGVENVTELKKNFNRHLHFTLVKDRNVATPRDYYFALAHTVRDHLVGRWIRTQQHYYEKDP
KRIYYLSLEFYMGRTLQNTMVNLALENACDEATYQLGLDMEELEEIEEDAGLGNGGLGRLAACFLDSMATLGLAAYGYGI
RYEFGIFNQKICGGWQMEEADDWLRYGNPWEKARPEFTLPVHFYGRVEHTSQGAKWVDTQVVLAMPYDTPVPGYRNNVVN
TMRLWSAKAPNDFNLKDFNVGGYIQAVLDRNLAENISRVLYPNDNFFEGKELRLKQEYFVVAATLQDIIRRFKSSKFGCR
DPVRTNFDAFPDKVAIQLNDTHPSLAIPELMRVLVDLERLDWDKAWEVTVKTCAYTNHTVLPEALERWPVHLLETLLPRH
LQIIYEINQRFLNRVAAAFPGDVDRLRRMSLVEEGAVKRINMAHLCIAGSHAVNGVARIHSEILKKTIFKDFYELEPHKF
QNKTNGITPRRWLVLCNPGLAEIIAERIGEEYISDLDQLRKLLSYVDDEAFIRDVAKVKQENKLKFAAYLEREYKVHINP
NSLFDVQVKRIHEYKRQLLNCLHVITLYNRIKKEPNKFVVPRTVMIGGKAAPGYHMAKMIIKLITAIGDVVNHDPVVGDR
LRVIFLENYRVSLAEKVIPAADLSEQISTAGTEASGTGNMKFMLNGALTIGTMDGANVEMAEEAGEENFFIFGMRVEDVD
RLDQRGYNAQEYYDRIPELRQIIEQLSSGFFSPKQPDLFKDIVNMLMHHDRFKVFADYEEYVKCQERVSALYKNPREWTR
MVIRNIATSGKFSSDRTIAQYAREIWGVEPSRQRLPAPDEKIP
;
_entity_poly.pdbx_strand_id   A
#
loop_
_chem_comp.id
_chem_comp.type
_chem_comp.name
_chem_comp.formula
PLP non-polymer PYRIDOXAL-5'-PHOSPHATE 'C8 H10 N O6 P'
REF non-polymer 2,3,7,8-tetrahydroxychromeno[5,4,3-cde]chromene-5,10-dione 'C14 H6 O8'
#
# COMPACT_ATOMS: atom_id res chain seq x y z
N GLN A 13 15.76 -19.84 19.30
CA GLN A 13 14.97 -21.06 18.98
C GLN A 13 15.23 -21.56 17.55
N ILE A 14 14.97 -20.70 16.54
CA ILE A 14 15.20 -21.02 15.12
C ILE A 14 16.26 -20.12 14.48
N SER A 15 17.03 -20.68 13.55
CA SER A 15 18.27 -20.06 13.04
C SER A 15 18.16 -18.69 12.37
N VAL A 16 17.13 -18.48 11.55
CA VAL A 16 16.96 -17.20 10.83
C VAL A 16 16.71 -16.00 11.78
N ARG A 17 16.29 -16.32 13.00
CA ARG A 17 16.05 -15.32 14.04
C ARG A 17 17.30 -14.84 14.80
N GLY A 18 18.48 -15.30 14.36
CA GLY A 18 19.78 -14.81 14.88
C GLY A 18 20.33 -15.50 16.12
N LEU A 19 21.46 -14.99 16.60
CA LEU A 19 22.17 -15.52 17.79
C LEU A 19 21.65 -14.98 19.12
N ALA A 20 21.62 -15.83 20.14
CA ALA A 20 21.29 -15.41 21.50
C ALA A 20 22.51 -15.64 22.42
N GLY A 21 23.58 -14.89 22.16
CA GLY A 21 24.80 -14.92 22.97
C GLY A 21 24.59 -14.42 24.40
N VAL A 22 25.27 -15.06 25.34
CA VAL A 22 25.13 -14.77 26.78
C VAL A 22 25.37 -13.28 27.12
N GLU A 23 26.38 -12.67 26.48
CA GLU A 23 26.71 -11.26 26.65
C GLU A 23 25.57 -10.33 26.19
N ASN A 24 24.99 -10.64 25.03
CA ASN A 24 23.91 -9.86 24.47
C ASN A 24 22.64 -9.95 25.27
N VAL A 25 22.28 -11.18 25.67
CA VAL A 25 21.10 -11.43 26.51
C VAL A 25 21.19 -10.69 27.85
N THR A 26 22.36 -10.75 28.50
CA THR A 26 22.62 -10.06 29.77
C THR A 26 22.45 -8.54 29.63
N GLU A 27 23.03 -7.97 28.56
CA GLU A 27 22.94 -6.55 28.25
C GLU A 27 21.50 -6.07 27.97
N LEU A 28 20.75 -6.86 27.19
CA LEU A 28 19.35 -6.58 26.89
C LEU A 28 18.48 -6.55 28.15
N LYS A 29 18.69 -7.52 29.03
CA LYS A 29 18.00 -7.58 30.33
C LYS A 29 18.26 -6.35 31.20
N LYS A 30 19.54 -5.95 31.30
CA LYS A 30 19.94 -4.76 32.08
C LYS A 30 19.25 -3.50 31.54
N ASN A 31 19.27 -3.34 30.22
CA ASN A 31 18.69 -2.19 29.55
C ASN A 31 17.18 -2.14 29.60
N PHE A 32 16.55 -3.31 29.54
CA PHE A 32 15.11 -3.48 29.76
C PHE A 32 14.70 -2.96 31.15
N ASN A 33 15.44 -3.40 32.18
CA ASN A 33 15.17 -2.96 33.55
C ASN A 33 15.43 -1.49 33.80
N ARG A 34 16.47 -0.97 33.16
CA ARG A 34 16.79 0.45 33.19
C ARG A 34 15.66 1.33 32.60
N HIS A 35 15.15 0.94 31.42
CA HIS A 35 14.04 1.66 30.79
C HIS A 35 12.76 1.57 31.61
N LEU A 36 12.48 0.39 32.18
CA LEU A 36 11.30 0.24 33.02
C LEU A 36 11.32 1.23 34.21
N HIS A 37 12.50 1.35 34.82
CA HIS A 37 12.73 2.20 35.98
C HIS A 37 12.81 3.69 35.59
N PHE A 38 13.78 4.05 34.76
CA PHE A 38 14.06 5.45 34.45
C PHE A 38 13.14 6.07 33.39
N THR A 39 12.79 5.29 32.37
CA THR A 39 12.01 5.83 31.26
C THR A 39 10.53 5.79 31.57
N LEU A 40 10.05 4.64 32.04
CA LEU A 40 8.63 4.49 32.28
C LEU A 40 8.18 4.87 33.68
N VAL A 41 9.14 4.98 34.61
CA VAL A 41 8.91 5.29 36.04
C VAL A 41 7.92 4.30 36.67
N LYS A 42 8.27 3.02 36.58
CA LYS A 42 7.50 1.93 37.15
C LYS A 42 8.45 0.94 37.84
N ASP A 43 7.93 0.18 38.80
CA ASP A 43 8.60 -1.04 39.28
C ASP A 43 7.82 -2.25 38.77
N ARG A 44 8.38 -3.45 38.95
CA ARG A 44 7.72 -4.71 38.54
C ARG A 44 6.33 -4.94 39.17
N ASN A 45 6.08 -4.35 40.34
CA ASN A 45 4.80 -4.56 41.04
C ASN A 45 3.60 -3.82 40.43
N VAL A 46 3.86 -2.68 39.79
CA VAL A 46 2.79 -1.86 39.20
C VAL A 46 2.73 -1.94 37.67
N ALA A 47 3.75 -2.53 37.05
CA ALA A 47 3.87 -2.60 35.59
C ALA A 47 2.78 -3.45 34.92
N THR A 48 2.15 -2.87 33.90
CA THR A 48 1.19 -3.56 33.03
C THR A 48 1.94 -4.17 31.84
N PRO A 49 1.30 -5.10 31.07
CA PRO A 49 2.00 -5.58 29.86
C PRO A 49 2.35 -4.48 28.84
N ARG A 50 1.57 -3.39 28.82
CA ARG A 50 1.88 -2.23 27.97
C ARG A 50 3.21 -1.60 28.36
N ASP A 51 3.45 -1.44 29.67
CA ASP A 51 4.75 -0.95 30.17
C ASP A 51 5.90 -1.85 29.72
N TYR A 52 5.67 -3.17 29.74
CA TYR A 52 6.69 -4.12 29.31
C TYR A 52 7.00 -4.01 27.83
N TYR A 53 5.95 -3.87 27.01
CA TYR A 53 6.11 -3.55 25.60
C TYR A 53 7.00 -2.29 25.42
N PHE A 54 6.66 -1.19 26.11
CA PHE A 54 7.44 0.05 25.98
C PHE A 54 8.89 -0.08 26.45
N ALA A 55 9.12 -0.86 27.50
CA ALA A 55 10.50 -1.09 27.98
C ALA A 55 11.31 -1.83 26.89
N LEU A 56 10.68 -2.81 26.23
CA LEU A 56 11.33 -3.55 25.14
C LEU A 56 11.57 -2.65 23.92
N ALA A 57 10.55 -1.88 23.54
CA ALA A 57 10.67 -0.96 22.40
C ALA A 57 11.82 0.03 22.58
N HIS A 58 11.93 0.64 23.77
CA HIS A 58 13.03 1.55 24.05
C HIS A 58 14.39 0.84 24.05
N THR A 59 14.41 -0.41 24.50
CA THR A 59 15.66 -1.21 24.53
C THR A 59 16.15 -1.47 23.10
N VAL A 60 15.23 -1.87 22.23
CA VAL A 60 15.56 -2.14 20.82
C VAL A 60 15.91 -0.84 20.08
N ARG A 61 15.16 0.22 20.35
CA ARG A 61 15.43 1.54 19.77
C ARG A 61 16.86 1.99 20.04
N ASP A 62 17.35 1.78 21.27
CA ASP A 62 18.73 2.11 21.63
C ASP A 62 19.77 1.56 20.64
N HIS A 63 19.53 0.35 20.14
CA HIS A 63 20.43 -0.29 19.15
C HIS A 63 20.44 0.34 17.76
N LEU A 64 19.37 1.07 17.43
CA LEU A 64 19.25 1.80 16.17
C LEU A 64 20.06 3.09 16.12
N VAL A 65 20.13 3.80 17.26
CA VAL A 65 20.57 5.21 17.26
C VAL A 65 22.02 5.41 16.82
N GLY A 66 22.91 4.53 17.28
CA GLY A 66 24.31 4.56 16.87
C GLY A 66 24.44 4.45 15.37
N ARG A 67 23.74 3.47 14.80
CA ARG A 67 23.77 3.22 13.35
C ARG A 67 23.08 4.36 12.57
N TRP A 68 22.03 4.93 13.15
CA TRP A 68 21.32 6.07 12.56
C TRP A 68 22.20 7.31 12.45
N ILE A 69 22.90 7.64 13.55
CA ILE A 69 23.83 8.77 13.58
C ILE A 69 24.99 8.53 12.60
N ARG A 70 25.53 7.31 12.58
CA ARG A 70 26.67 7.00 11.71
C ARG A 70 26.28 6.97 10.23
N THR A 71 25.08 6.46 9.92
CA THR A 71 24.59 6.48 8.54
C THR A 71 24.47 7.92 8.03
N GLN A 72 23.80 8.79 8.80
CA GLN A 72 23.59 10.18 8.35
C GLN A 72 24.91 10.94 8.26
N GLN A 73 25.82 10.71 9.20
CA GLN A 73 27.19 11.23 9.14
C GLN A 73 27.90 10.76 7.85
N HIS A 74 27.82 9.47 7.56
CA HIS A 74 28.36 8.88 6.33
C HIS A 74 27.87 9.60 5.06
N TYR A 75 26.56 9.89 4.97
CA TYR A 75 26.02 10.59 3.80
C TYR A 75 26.53 12.02 3.70
N TYR A 76 26.81 12.64 4.85
CA TYR A 76 27.40 13.97 4.88
C TYR A 76 28.82 13.98 4.30
N GLU A 77 29.65 13.02 4.72
CA GLU A 77 31.04 12.89 4.25
C GLU A 77 31.12 12.52 2.77
N LYS A 78 30.41 11.46 2.38
CA LYS A 78 30.46 10.92 1.03
C LYS A 78 29.69 11.74 -0.02
N ASP A 79 28.70 12.51 0.43
CA ASP A 79 27.80 13.31 -0.44
C ASP A 79 27.25 12.56 -1.69
N PRO A 80 26.57 11.40 -1.48
CA PRO A 80 26.02 10.72 -2.66
C PRO A 80 24.78 11.47 -3.16
N LYS A 81 24.32 11.13 -4.36
CA LYS A 81 23.01 11.59 -4.84
C LYS A 81 21.93 11.10 -3.88
N ARG A 82 21.04 12.01 -3.49
CA ARG A 82 19.99 11.68 -2.51
C ARG A 82 18.68 11.40 -3.23
N ILE A 83 17.97 10.38 -2.77
CA ILE A 83 16.63 10.02 -3.31
C ILE A 83 15.56 10.48 -2.32
N TYR A 84 14.61 11.26 -2.82
CA TYR A 84 13.51 11.74 -1.99
C TYR A 84 12.20 11.14 -2.49
N TYR A 85 11.63 10.26 -1.67
CA TYR A 85 10.40 9.56 -2.04
C TYR A 85 9.22 10.28 -1.39
N LEU A 86 8.45 11.01 -2.21
CA LEU A 86 7.34 11.84 -1.72
C LEU A 86 6.02 11.09 -1.81
N SER A 87 5.39 10.90 -0.67
CA SER A 87 4.12 10.16 -0.61
C SER A 87 3.22 10.76 0.46
N LEU A 88 1.92 10.76 0.17
CA LEU A 88 0.94 11.18 1.15
C LEU A 88 0.60 10.04 2.10
N GLU A 89 1.11 8.85 1.79
CA GLU A 89 0.83 7.64 2.54
C GLU A 89 2.07 6.79 2.77
N PHE A 90 2.26 6.37 4.03
CA PHE A 90 3.27 5.38 4.41
C PHE A 90 2.58 4.40 5.33
N TYR A 91 2.20 3.25 4.79
CA TYR A 91 1.41 2.27 5.52
C TYR A 91 2.37 1.30 6.22
N MET A 92 2.88 1.72 7.39
CA MET A 92 4.05 1.10 8.02
C MET A 92 3.76 -0.15 8.84
N GLY A 93 2.57 -0.23 9.44
CA GLY A 93 2.22 -1.29 10.40
C GLY A 93 3.06 -1.16 11.66
N ARG A 94 3.31 -2.27 12.35
CA ARG A 94 4.15 -2.29 13.55
C ARG A 94 5.64 -2.23 13.23
N THR A 95 6.42 -1.73 14.19
CA THR A 95 7.86 -1.49 14.02
C THR A 95 8.76 -2.42 14.86
N LEU A 96 8.27 -2.94 15.99
CA LEU A 96 9.14 -3.66 16.94
C LEU A 96 9.81 -4.89 16.32
N GLN A 97 9.00 -5.82 15.80
CA GLN A 97 9.53 -7.06 15.22
C GLN A 97 10.37 -6.79 13.99
N ASN A 98 9.91 -5.87 13.12
CA ASN A 98 10.69 -5.52 11.94
C ASN A 98 12.08 -5.01 12.28
N THR A 99 12.17 -4.23 13.36
CA THR A 99 13.45 -3.70 13.81
C THR A 99 14.36 -4.83 14.31
N MET A 100 13.81 -5.73 15.10
CA MET A 100 14.55 -6.89 15.60
C MET A 100 15.06 -7.78 14.46
N VAL A 101 14.20 -8.04 13.48
CA VAL A 101 14.59 -8.83 12.30
C VAL A 101 15.80 -8.22 11.58
N ASN A 102 15.73 -6.92 11.29
CA ASN A 102 16.76 -6.22 10.51
C ASN A 102 18.08 -6.01 11.26
N LEU A 103 18.02 -6.08 12.58
CA LEU A 103 19.18 -5.92 13.46
C LEU A 103 19.74 -7.24 14.01
N ALA A 104 19.09 -8.34 13.66
CA ALA A 104 19.45 -9.72 14.06
C ALA A 104 19.33 -9.91 15.56
N LEU A 105 18.27 -9.35 16.13
CA LEU A 105 18.07 -9.30 17.59
C LEU A 105 16.95 -10.18 18.11
N GLU A 106 16.19 -10.80 17.20
CA GLU A 106 14.95 -11.48 17.56
C GLU A 106 15.10 -12.59 18.62
N ASN A 107 16.05 -13.49 18.41
CA ASN A 107 16.29 -14.60 19.37
C ASN A 107 16.82 -14.12 20.72
N ALA A 108 17.75 -13.17 20.68
CA ALA A 108 18.30 -12.55 21.89
C ALA A 108 17.21 -11.85 22.72
N CYS A 109 16.37 -11.03 22.07
CA CYS A 109 15.25 -10.38 22.77
C CYS A 109 14.26 -11.41 23.30
N ASP A 110 13.98 -12.45 22.51
CA ASP A 110 13.14 -13.58 22.91
C ASP A 110 13.67 -14.26 24.17
N GLU A 111 14.96 -14.57 24.16
CA GLU A 111 15.68 -15.14 25.32
C GLU A 111 15.64 -14.19 26.52
N ALA A 112 16.10 -12.95 26.33
CA ALA A 112 16.12 -11.94 27.40
C ALA A 112 14.78 -11.77 28.08
N THR A 113 13.71 -11.65 27.31
CA THR A 113 12.34 -11.50 27.85
C THR A 113 11.81 -12.78 28.53
N TYR A 114 12.11 -13.94 27.94
CA TYR A 114 11.77 -15.24 28.56
C TYR A 114 12.36 -15.34 29.98
N GLN A 115 13.63 -14.96 30.11
CA GLN A 115 14.36 -14.95 31.39
C GLN A 115 13.80 -13.96 32.42
N LEU A 116 13.19 -12.88 31.94
CA LEU A 116 12.48 -11.92 32.78
C LEU A 116 11.05 -12.35 33.09
N GLY A 117 10.67 -13.54 32.60
CA GLY A 117 9.35 -14.11 32.86
C GLY A 117 8.25 -13.60 31.93
N LEU A 118 8.63 -13.20 30.72
CA LEU A 118 7.69 -12.58 29.80
C LEU A 118 7.65 -13.29 28.46
N ASP A 119 6.48 -13.22 27.81
CA ASP A 119 6.24 -13.73 26.48
C ASP A 119 6.34 -12.57 25.49
N MET A 120 7.38 -12.55 24.68
CA MET A 120 7.61 -11.49 23.70
C MET A 120 6.50 -11.33 22.65
N GLU A 121 5.92 -12.45 22.22
CA GLU A 121 4.83 -12.44 21.23
C GLU A 121 3.62 -11.69 21.73
N GLU A 122 3.36 -11.82 23.03
CA GLU A 122 2.29 -11.13 23.72
C GLU A 122 2.57 -9.62 23.76
N LEU A 123 3.81 -9.24 24.05
CA LEU A 123 4.20 -7.83 24.06
C LEU A 123 4.09 -7.19 22.67
N GLU A 124 4.41 -7.96 21.62
CA GLU A 124 4.34 -7.48 20.24
C GLU A 124 2.92 -7.05 19.83
N GLU A 125 1.92 -7.79 20.31
CA GLU A 125 0.50 -7.51 20.05
C GLU A 125 -0.03 -6.20 20.64
N ILE A 126 0.74 -5.61 21.56
CA ILE A 126 0.37 -4.33 22.20
C ILE A 126 0.63 -3.12 21.30
N GLU A 127 1.64 -3.20 20.43
CA GLU A 127 2.00 -2.08 19.54
C GLU A 127 0.85 -1.72 18.57
N GLU A 128 0.54 -0.44 18.46
CA GLU A 128 -0.45 0.04 17.46
C GLU A 128 0.20 0.02 16.07
N ASP A 129 -0.57 -0.35 15.03
CA ASP A 129 -0.09 -0.11 13.64
C ASP A 129 0.09 1.37 13.39
N ALA A 130 1.16 1.73 12.68
CA ALA A 130 1.22 3.04 12.05
C ALA A 130 0.42 2.89 10.74
N GLY A 131 -0.87 3.18 10.82
CA GLY A 131 -1.83 2.97 9.72
C GLY A 131 -1.99 4.25 8.90
N LEU A 132 -0.87 4.78 8.44
CA LEU A 132 -0.84 6.04 7.71
C LEU A 132 -1.00 5.84 6.20
N GLY A 133 -1.83 4.86 5.82
CA GLY A 133 -2.14 4.61 4.42
C GLY A 133 -3.45 3.89 4.25
N ASN A 134 -3.90 3.80 3.01
CA ASN A 134 -5.19 3.19 2.68
C ASN A 134 -5.11 1.73 2.25
N GLY A 135 -4.08 1.39 1.49
CA GLY A 135 -3.95 0.07 0.87
C GLY A 135 -2.65 -0.04 0.11
N GLY A 136 -2.75 -0.41 -1.16
CA GLY A 136 -1.59 -0.78 -2.00
C GLY A 136 -0.51 0.28 -2.18
N LEU A 137 -0.94 1.49 -2.52
CA LEU A 137 -0.04 2.63 -2.75
C LEU A 137 0.75 2.99 -1.47
N GLY A 138 0.06 2.99 -0.33
CA GLY A 138 0.69 3.27 0.96
C GLY A 138 1.65 2.19 1.42
N ARG A 139 1.25 0.94 1.24
CA ARG A 139 2.12 -0.19 1.63
C ARG A 139 3.33 -0.31 0.71
N LEU A 140 3.16 0.05 -0.56
CA LEU A 140 4.27 0.09 -1.53
C LEU A 140 5.37 1.06 -1.07
N ALA A 141 4.98 2.25 -0.61
CA ALA A 141 5.91 3.20 -0.06
C ALA A 141 6.70 2.59 1.12
N ALA A 142 6.03 1.83 1.98
CA ALA A 142 6.66 1.21 3.15
C ALA A 142 7.68 0.12 2.76
N CYS A 143 7.26 -0.78 1.88
CA CYS A 143 8.16 -1.81 1.31
C CYS A 143 9.38 -1.16 0.64
N PHE A 144 9.13 -0.08 -0.10
CA PHE A 144 10.21 0.64 -0.78
C PHE A 144 11.26 1.22 0.17
N LEU A 145 10.82 1.79 1.30
CA LEU A 145 11.76 2.34 2.28
C LEU A 145 12.68 1.24 2.82
N ASP A 146 12.08 0.09 3.10
CA ASP A 146 12.81 -1.09 3.56
C ASP A 146 13.86 -1.53 2.52
N SER A 147 13.45 -1.63 1.25
CA SER A 147 14.39 -2.00 0.19
C SER A 147 15.49 -0.98 -0.05
N MET A 148 15.14 0.30 0.03
CA MET A 148 16.13 1.35 -0.23
C MET A 148 17.25 1.35 0.83
N ALA A 149 16.88 1.09 2.07
CA ALA A 149 17.81 0.95 3.19
C ALA A 149 18.67 -0.31 3.03
N THR A 150 18.01 -1.42 2.70
CA THR A 150 18.68 -2.69 2.44
C THR A 150 19.68 -2.61 1.25
N LEU A 151 19.41 -1.75 0.29
CA LEU A 151 20.29 -1.59 -0.87
C LEU A 151 21.26 -0.42 -0.75
N GLY A 152 21.36 0.15 0.45
CA GLY A 152 22.36 1.17 0.78
C GLY A 152 22.20 2.49 0.07
N LEU A 153 20.97 2.82 -0.34
CA LEU A 153 20.72 4.10 -1.02
C LEU A 153 20.53 5.21 0.00
N ALA A 154 21.02 6.39 -0.34
CA ALA A 154 20.83 7.57 0.49
C ALA A 154 19.40 8.11 0.27
N ALA A 155 18.42 7.43 0.87
CA ALA A 155 17.00 7.67 0.58
C ALA A 155 16.26 8.23 1.78
N TYR A 156 15.33 9.15 1.52
CA TYR A 156 14.49 9.76 2.55
C TYR A 156 13.03 9.66 2.15
N GLY A 157 12.21 9.13 3.04
CA GLY A 157 10.76 9.14 2.85
C GLY A 157 10.21 10.43 3.44
N TYR A 158 9.39 11.15 2.69
CA TYR A 158 8.77 12.40 3.19
C TYR A 158 7.26 12.32 3.08
N GLY A 159 6.58 12.59 4.20
CA GLY A 159 5.12 12.53 4.25
C GLY A 159 4.53 13.40 5.37
N ILE A 160 3.31 13.07 5.75
CA ILE A 160 2.58 13.78 6.80
C ILE A 160 2.42 12.84 7.97
N ARG A 161 2.68 13.37 9.17
CA ARG A 161 2.39 12.67 10.41
C ARG A 161 0.94 12.91 10.75
N TYR A 162 0.05 12.04 10.25
CA TYR A 162 -1.35 12.17 10.56
C TYR A 162 -1.55 11.82 12.02
N GLU A 163 -2.36 12.61 12.72
CA GLU A 163 -2.73 12.31 14.09
C GLU A 163 -3.67 11.10 14.12
N PHE A 164 -4.55 11.00 13.13
CA PHE A 164 -5.42 9.85 12.97
C PHE A 164 -5.16 9.20 11.62
N GLY A 165 -4.80 7.92 11.63
CA GLY A 165 -4.55 7.18 10.39
C GLY A 165 -5.86 6.62 9.86
N ILE A 166 -5.77 5.56 9.06
CA ILE A 166 -6.96 4.87 8.56
C ILE A 166 -7.86 4.43 9.74
N PHE A 167 -9.15 4.74 9.66
CA PHE A 167 -10.10 4.42 10.75
C PHE A 167 -10.08 2.93 11.14
N ASN A 168 -10.36 2.66 12.42
CA ASN A 168 -10.61 1.30 12.87
C ASN A 168 -12.03 0.91 12.48
N GLN A 169 -12.15 -0.24 11.86
CA GLN A 169 -13.42 -0.76 11.38
C GLN A 169 -14.03 -1.73 12.39
N LYS A 170 -15.25 -1.45 12.82
CA LYS A 170 -16.05 -2.35 13.64
C LYS A 170 -17.26 -2.78 12.83
N ILE A 171 -17.71 -4.00 13.04
CA ILE A 171 -18.90 -4.53 12.37
C ILE A 171 -20.04 -4.61 13.40
N CYS A 172 -21.10 -3.83 13.17
CA CYS A 172 -22.27 -3.81 14.05
CA CYS A 172 -22.27 -3.78 14.04
C CYS A 172 -23.51 -4.13 13.25
N GLY A 173 -24.15 -5.26 13.59
CA GLY A 173 -25.34 -5.74 12.88
C GLY A 173 -25.05 -6.02 11.42
N GLY A 174 -23.82 -6.45 11.14
CA GLY A 174 -23.37 -6.67 9.77
C GLY A 174 -22.88 -5.45 9.00
N TRP A 175 -23.01 -4.26 9.59
CA TRP A 175 -22.60 -3.02 8.94
C TRP A 175 -21.24 -2.51 9.45
N GLN A 176 -20.44 -1.93 8.55
CA GLN A 176 -19.24 -1.18 8.93
C GLN A 176 -19.57 0.07 9.74
N MET A 177 -18.91 0.20 10.89
CA MET A 177 -18.87 1.43 11.68
C MET A 177 -17.41 1.89 11.70
N GLU A 178 -17.21 3.19 11.72
CA GLU A 178 -15.87 3.79 11.72
C GLU A 178 -15.54 4.38 13.08
N GLU A 179 -14.35 4.07 13.60
CA GLU A 179 -13.84 4.70 14.82
C GLU A 179 -12.50 5.36 14.54
N ALA A 180 -12.26 6.50 15.16
CA ALA A 180 -10.99 7.21 15.07
C ALA A 180 -9.83 6.32 15.51
N ASP A 181 -8.79 6.27 14.67
CA ASP A 181 -7.58 5.53 14.96
C ASP A 181 -6.58 6.45 15.67
N ASP A 182 -6.74 6.52 16.99
CA ASP A 182 -5.97 7.39 17.87
C ASP A 182 -4.65 6.67 18.20
N TRP A 183 -3.83 6.45 17.17
CA TRP A 183 -2.63 5.59 17.28
C TRP A 183 -1.50 6.20 18.15
N LEU A 184 -1.57 7.50 18.41
CA LEU A 184 -0.53 8.18 19.19
C LEU A 184 -0.88 8.33 20.67
N ARG A 185 -2.04 7.79 21.05
CA ARG A 185 -2.58 7.90 22.41
C ARG A 185 -1.52 7.60 23.50
N TYR A 186 -0.85 6.46 23.36
CA TYR A 186 0.12 5.99 24.34
C TYR A 186 1.55 6.43 24.06
N GLY A 187 1.74 7.28 23.05
CA GLY A 187 3.05 7.71 22.61
C GLY A 187 3.61 6.84 21.47
N ASN A 188 4.62 7.34 20.78
CA ASN A 188 5.28 6.60 19.72
C ASN A 188 6.79 6.59 20.03
N PRO A 189 7.33 5.44 20.48
CA PRO A 189 8.75 5.43 20.89
C PRO A 189 9.71 5.51 19.71
N TRP A 190 9.20 5.31 18.49
CA TRP A 190 10.07 5.23 17.33
C TRP A 190 10.42 6.59 16.76
N GLU A 191 9.53 7.57 16.92
CA GLU A 191 9.76 8.89 16.33
C GLU A 191 10.65 9.79 17.20
N LYS A 192 11.37 10.69 16.55
CA LYS A 192 12.06 11.77 17.24
C LYS A 192 11.61 13.12 16.66
N ALA A 193 10.92 13.91 17.49
CA ALA A 193 10.52 15.27 17.12
C ALA A 193 11.77 16.07 16.87
N ARG A 194 11.75 16.85 15.79
CA ARG A 194 12.85 17.74 15.47
C ARG A 194 12.39 19.20 15.33
N PRO A 195 11.78 19.80 16.41
CA PRO A 195 11.22 21.18 16.36
C PRO A 195 12.21 22.26 15.90
N GLU A 196 13.50 21.97 16.03
CA GLU A 196 14.58 22.83 15.53
C GLU A 196 14.61 23.00 14.01
N PHE A 197 14.07 22.05 13.26
CA PHE A 197 14.05 22.13 11.79
C PHE A 197 12.65 22.50 11.22
N THR A 198 11.85 23.15 12.06
CA THR A 198 10.54 23.67 11.70
C THR A 198 10.64 24.70 10.58
N LEU A 199 9.71 24.62 9.62
CA LEU A 199 9.76 25.42 8.39
C LEU A 199 8.40 26.07 8.13
N PRO A 200 8.39 27.29 7.56
CA PRO A 200 7.09 27.92 7.23
C PRO A 200 6.54 27.48 5.88
N VAL A 201 5.22 27.31 5.82
CA VAL A 201 4.48 27.00 4.59
C VAL A 201 3.42 28.09 4.42
N HIS A 202 3.29 28.59 3.19
CA HIS A 202 2.40 29.71 2.86
C HIS A 202 1.14 29.27 2.14
N PHE A 203 0.02 29.93 2.48
CA PHE A 203 -1.27 29.67 1.84
C PHE A 203 -1.98 31.00 1.53
N TYR A 204 -2.89 30.96 0.54
CA TYR A 204 -3.73 32.13 0.14
C TYR A 204 -2.85 33.26 -0.39
N GLY A 205 -3.12 34.50 0.04
CA GLY A 205 -2.36 35.66 -0.43
C GLY A 205 -2.66 36.03 -1.88
N ARG A 206 -1.72 36.73 -2.51
CA ARG A 206 -1.91 37.24 -3.87
C ARG A 206 -0.56 37.49 -4.51
N VAL A 207 -0.56 37.62 -5.84
CA VAL A 207 0.68 37.83 -6.59
C VAL A 207 0.89 39.31 -6.94
N GLU A 208 2.07 39.81 -6.59
CA GLU A 208 2.49 41.17 -6.91
C GLU A 208 3.60 41.10 -7.95
N HIS A 209 3.50 41.92 -8.99
CA HIS A 209 4.58 42.02 -9.99
C HIS A 209 5.42 43.26 -9.79
N THR A 210 6.72 43.06 -9.57
CA THR A 210 7.68 44.16 -9.47
C THR A 210 8.51 44.22 -10.76
N SER A 211 9.45 45.16 -10.81
CA SER A 211 10.48 45.19 -11.84
C SER A 211 11.45 43.99 -11.69
N GLN A 212 11.40 43.33 -10.53
CA GLN A 212 12.21 42.15 -10.24
C GLN A 212 11.39 40.84 -10.18
N GLY A 213 10.44 40.68 -11.10
CA GLY A 213 9.60 39.48 -11.14
C GLY A 213 8.46 39.46 -10.13
N ALA A 214 7.83 38.29 -10.02
CA ALA A 214 6.65 38.11 -9.17
C ALA A 214 7.00 37.94 -7.68
N LYS A 215 6.10 38.38 -6.81
CA LYS A 215 6.22 38.22 -5.37
C LYS A 215 4.90 37.68 -4.84
N TRP A 216 4.97 36.66 -3.98
CA TRP A 216 3.78 36.09 -3.38
C TRP A 216 3.64 36.66 -1.97
N VAL A 217 2.59 37.45 -1.74
CA VAL A 217 2.50 38.30 -0.54
C VAL A 217 1.16 38.12 0.15
N ASP A 218 1.07 38.67 1.37
CA ASP A 218 -0.14 38.65 2.23
C ASP A 218 -0.60 37.23 2.51
N THR A 219 0.36 36.32 2.66
CA THR A 219 0.02 34.91 2.87
C THR A 219 -0.31 34.61 4.32
N GLN A 220 -1.07 33.54 4.53
CA GLN A 220 -1.25 32.92 5.82
C GLN A 220 -0.12 31.88 5.99
N VAL A 221 0.53 31.90 7.15
CA VAL A 221 1.67 31.01 7.43
C VAL A 221 1.26 29.86 8.35
N VAL A 222 1.60 28.63 7.95
CA VAL A 222 1.48 27.46 8.81
C VAL A 222 2.88 26.86 8.96
N LEU A 223 3.24 26.50 10.19
CA LEU A 223 4.54 25.85 10.40
C LEU A 223 4.48 24.33 10.18
N ALA A 224 5.57 23.82 9.62
CA ALA A 224 5.77 22.39 9.40
C ALA A 224 6.88 21.92 10.34
N MET A 225 6.49 21.10 11.32
CA MET A 225 7.43 20.53 12.27
C MET A 225 7.75 19.07 11.94
N PRO A 226 9.05 18.74 11.74
CA PRO A 226 9.34 17.36 11.32
C PRO A 226 9.48 16.39 12.48
N TYR A 227 9.06 15.16 12.25
CA TYR A 227 9.33 14.02 13.13
C TYR A 227 10.06 12.95 12.32
N ASP A 228 11.19 12.47 12.83
CA ASP A 228 12.00 11.48 12.12
C ASP A 228 11.85 10.09 12.72
N THR A 229 11.64 9.11 11.84
CA THR A 229 11.56 7.72 12.22
C THR A 229 12.70 6.99 11.52
N PRO A 230 13.45 6.15 12.27
CA PRO A 230 14.53 5.37 11.65
C PRO A 230 14.01 4.25 10.76
N VAL A 231 14.67 4.05 9.63
CA VAL A 231 14.35 2.96 8.71
C VAL A 231 15.60 2.03 8.56
N PRO A 232 15.63 0.92 9.30
CA PRO A 232 16.84 0.06 9.26
C PRO A 232 16.89 -0.86 8.02
N GLY A 233 18.06 -0.93 7.38
CA GLY A 233 18.29 -1.93 6.31
C GLY A 233 18.46 -3.32 6.89
N TYR A 234 18.38 -4.36 6.05
CA TYR A 234 18.54 -5.72 6.54
C TYR A 234 20.01 -6.07 6.81
N ARG A 235 20.38 -6.06 8.09
CA ARG A 235 21.70 -6.51 8.58
C ARG A 235 22.91 -5.89 7.87
N ASN A 236 22.77 -4.63 7.47
CA ASN A 236 23.86 -3.92 6.82
C ASN A 236 24.31 -2.66 7.59
N ASN A 237 23.73 -2.48 8.78
CA ASN A 237 23.97 -1.30 9.63
C ASN A 237 23.59 0.05 8.99
N VAL A 238 22.76 0.01 7.94
CA VAL A 238 22.28 1.24 7.32
C VAL A 238 20.96 1.59 8.03
N VAL A 239 20.82 2.84 8.46
CA VAL A 239 19.55 3.33 9.02
C VAL A 239 19.23 4.65 8.33
N ASN A 240 18.23 4.61 7.44
CA ASN A 240 17.73 5.78 6.74
C ASN A 240 16.63 6.46 7.55
N THR A 241 16.10 7.56 7.02
CA THR A 241 15.11 8.40 7.73
C THR A 241 13.81 8.49 6.94
N MET A 242 12.70 8.34 7.66
CA MET A 242 11.39 8.76 7.18
C MET A 242 11.03 10.03 7.96
N ARG A 243 10.89 11.15 7.24
CA ARG A 243 10.58 12.45 7.86
C ARG A 243 9.11 12.82 7.59
N LEU A 244 8.32 12.90 8.66
CA LEU A 244 6.89 13.21 8.54
C LEU A 244 6.58 14.57 9.17
N TRP A 245 5.83 15.38 8.43
CA TRP A 245 5.56 16.76 8.83
C TRP A 245 4.27 16.87 9.63
N SER A 246 4.34 17.65 10.71
CA SER A 246 3.18 18.00 11.54
C SER A 246 2.88 19.49 11.44
N ALA A 247 1.60 19.86 11.33
CA ALA A 247 1.18 21.26 11.19
C ALA A 247 1.08 21.96 12.54
N LYS A 248 1.70 23.14 12.64
CA LYS A 248 1.68 23.96 13.86
C LYS A 248 1.34 25.41 13.51
N ALA A 249 0.47 26.04 14.29
CA ALA A 249 0.18 27.46 14.09
C ALA A 249 1.35 28.32 14.61
N PRO A 250 1.68 29.45 13.94
CA PRO A 250 2.64 30.40 14.56
C PRO A 250 2.09 31.00 15.87
N ASN A 251 2.95 31.48 16.76
CA ASN A 251 2.50 31.95 18.08
C ASN A 251 1.71 33.27 18.11
N ASP A 252 1.86 34.07 17.07
CA ASP A 252 1.07 35.30 16.90
C ASP A 252 -0.19 35.09 16.02
N PHE A 253 -0.50 33.82 15.71
CA PHE A 253 -1.67 33.40 14.90
C PHE A 253 -2.98 33.90 15.49
N ASN A 254 -3.75 34.63 14.67
CA ASN A 254 -4.98 35.35 15.08
C ASN A 254 -4.75 36.45 16.15
N LEU A 255 -3.48 36.79 16.40
CA LEU A 255 -3.08 37.71 17.48
C LEU A 255 -2.17 38.84 16.99
N GLY A 262 -12.29 37.39 21.20
CA GLY A 262 -11.04 38.05 21.59
C GLY A 262 -9.91 37.04 21.80
N TYR A 263 -9.18 37.20 22.91
CA TYR A 263 -7.98 36.41 23.18
C TYR A 263 -8.24 34.89 23.23
N ILE A 264 -9.20 34.45 24.05
CA ILE A 264 -9.50 33.00 24.19
C ILE A 264 -9.78 32.35 22.84
N GLN A 265 -10.72 32.93 22.09
CA GLN A 265 -11.09 32.45 20.76
C GLN A 265 -9.91 32.39 19.78
N ALA A 266 -9.03 33.39 19.81
CA ALA A 266 -7.85 33.40 18.94
C ALA A 266 -6.91 32.21 19.22
N VAL A 267 -6.77 31.86 20.50
CA VAL A 267 -6.00 30.69 20.90
C VAL A 267 -6.70 29.39 20.44
N LEU A 268 -8.02 29.30 20.63
CA LEU A 268 -8.76 28.09 20.22
C LEU A 268 -8.77 27.88 18.71
N ASP A 269 -8.77 28.99 17.97
CA ASP A 269 -8.75 28.97 16.51
C ASP A 269 -7.45 28.49 15.87
N ARG A 270 -6.42 28.26 16.69
CA ARG A 270 -5.16 27.64 16.22
C ARG A 270 -5.37 26.26 15.57
N ASN A 271 -6.42 25.58 16.01
CA ASN A 271 -6.79 24.28 15.48
C ASN A 271 -7.11 24.30 13.99
N LEU A 272 -7.63 25.43 13.51
CA LEU A 272 -7.83 25.66 12.07
C LEU A 272 -6.57 25.41 11.22
N ALA A 273 -5.41 25.90 11.67
CA ALA A 273 -4.14 25.66 10.98
C ALA A 273 -3.66 24.22 11.17
N GLU A 274 -3.84 23.69 12.38
CA GLU A 274 -3.26 22.40 12.76
C GLU A 274 -4.09 21.23 12.24
N ASN A 275 -5.29 21.52 11.76
CA ASN A 275 -6.14 20.53 11.11
C ASN A 275 -5.54 19.90 9.85
N ILE A 276 -4.58 20.58 9.23
CA ILE A 276 -3.90 20.07 8.01
C ILE A 276 -3.35 18.64 8.21
N SER A 277 -2.67 18.41 9.33
CA SER A 277 -2.10 17.08 9.61
C SER A 277 -2.97 16.19 10.53
N ARG A 278 -4.26 16.51 10.66
CA ARG A 278 -5.10 15.80 11.63
C ARG A 278 -5.48 14.38 11.22
N VAL A 279 -5.89 14.20 9.96
CA VAL A 279 -6.52 12.93 9.55
C VAL A 279 -6.23 12.55 8.08
N LEU A 280 -5.95 11.27 7.88
CA LEU A 280 -5.75 10.70 6.56
C LEU A 280 -7.12 10.62 5.87
N TYR A 281 -7.19 11.13 4.66
CA TYR A 281 -8.38 10.89 3.79
C TYR A 281 -8.48 9.40 3.47
N PRO A 282 -9.63 8.78 3.82
CA PRO A 282 -9.76 7.32 3.72
C PRO A 282 -10.20 6.82 2.32
N ASN A 283 -9.99 7.61 1.28
CA ASN A 283 -10.31 7.24 -0.12
CA ASN A 283 -10.32 7.17 -0.09
C ASN A 283 -9.18 6.40 -0.73
N ASP A 284 -9.54 5.29 -1.35
CA ASP A 284 -8.60 4.40 -2.01
C ASP A 284 -9.01 4.41 -3.47
N ASN A 285 -8.11 4.86 -4.34
CA ASN A 285 -8.38 4.93 -5.80
C ASN A 285 -9.66 5.74 -6.14
N PHE A 286 -9.84 6.87 -5.46
CA PHE A 286 -10.98 7.75 -5.69
C PHE A 286 -10.59 9.16 -5.31
N PHE A 287 -10.83 10.09 -6.24
CA PHE A 287 -10.52 11.49 -6.04
C PHE A 287 -11.70 12.21 -5.40
N GLU A 288 -11.42 12.89 -4.28
CA GLU A 288 -12.38 13.76 -3.65
C GLU A 288 -11.72 15.15 -3.64
N GLY A 289 -12.33 16.09 -4.35
CA GLY A 289 -11.77 17.42 -4.53
C GLY A 289 -12.08 18.36 -3.39
N LYS A 290 -11.60 18.05 -2.19
CA LYS A 290 -11.86 18.89 -1.02
C LYS A 290 -10.65 19.78 -0.73
N GLU A 291 -10.92 21.02 -0.31
CA GLU A 291 -9.87 21.99 0.01
C GLU A 291 -8.82 21.51 1.03
N LEU A 292 -9.27 20.85 2.12
CA LEU A 292 -8.34 20.34 3.13
C LEU A 292 -7.32 19.31 2.58
N ARG A 293 -7.77 18.48 1.65
CA ARG A 293 -6.89 17.55 0.94
C ARG A 293 -5.83 18.28 0.12
N LEU A 294 -6.23 19.36 -0.56
CA LEU A 294 -5.30 20.15 -1.35
C LEU A 294 -4.27 20.80 -0.43
N LYS A 295 -4.71 21.31 0.73
CA LYS A 295 -3.79 21.87 1.72
C LYS A 295 -2.74 20.85 2.18
N GLN A 296 -3.16 19.61 2.40
CA GLN A 296 -2.24 18.55 2.81
C GLN A 296 -1.22 18.30 1.73
N GLU A 297 -1.68 18.23 0.48
CA GLU A 297 -0.79 18.03 -0.66
C GLU A 297 0.25 19.14 -0.80
N TYR A 298 -0.16 20.39 -0.64
CA TYR A 298 0.82 21.47 -0.76
C TYR A 298 1.77 21.51 0.45
N PHE A 299 1.20 21.26 1.63
CA PHE A 299 1.93 21.28 2.90
C PHE A 299 3.13 20.33 2.85
N VAL A 300 2.91 19.09 2.41
CA VAL A 300 4.00 18.12 2.36
C VAL A 300 5.08 18.54 1.34
N VAL A 301 4.63 19.00 0.18
CA VAL A 301 5.50 19.44 -0.91
C VAL A 301 6.37 20.66 -0.54
N ALA A 302 5.75 21.68 0.04
CA ALA A 302 6.43 22.95 0.35
C ALA A 302 7.48 22.78 1.45
N ALA A 303 7.13 22.05 2.52
CA ALA A 303 8.09 21.78 3.60
C ALA A 303 9.25 20.89 3.10
N THR A 304 8.92 19.82 2.36
CA THR A 304 9.91 18.88 1.80
C THR A 304 10.92 19.57 0.87
N LEU A 305 10.44 20.33 -0.11
CA LEU A 305 11.33 21.03 -1.04
C LEU A 305 12.29 22.02 -0.38
N GLN A 306 11.83 22.73 0.66
CA GLN A 306 12.73 23.64 1.42
C GLN A 306 13.84 22.85 2.12
N ASP A 307 13.46 21.70 2.66
CA ASP A 307 14.38 20.79 3.35
C ASP A 307 15.40 20.22 2.37
N ILE A 308 14.94 19.85 1.17
CA ILE A 308 15.80 19.36 0.07
C ILE A 308 16.84 20.42 -0.33
N ILE A 309 16.37 21.65 -0.56
CA ILE A 309 17.24 22.75 -1.03
C ILE A 309 18.26 23.14 0.05
N ARG A 310 17.81 23.20 1.30
CA ARG A 310 18.69 23.44 2.46
C ARG A 310 19.84 22.42 2.52
N ARG A 311 19.51 21.14 2.38
CA ARG A 311 20.48 20.06 2.38
C ARG A 311 21.42 20.13 1.18
N PHE A 312 20.88 20.49 0.01
CA PHE A 312 21.69 20.70 -1.22
C PHE A 312 22.71 21.83 -1.09
N LYS A 313 22.31 22.95 -0.49
CA LYS A 313 23.17 24.13 -0.38
C LYS A 313 24.32 23.96 0.62
N SER A 314 24.17 23.01 1.54
CA SER A 314 25.19 22.69 2.55
C SER A 314 26.19 21.66 2.00
N SER A 315 26.64 21.86 0.75
CA SER A 315 27.54 20.93 0.05
C SER A 315 28.57 21.68 -0.78
N THR A 325 25.05 28.54 -5.23
CA THR A 325 23.93 28.93 -6.09
C THR A 325 23.98 28.28 -7.49
N ASN A 326 24.86 27.29 -7.66
CA ASN A 326 24.93 26.55 -8.92
C ASN A 326 23.94 25.36 -8.95
N PHE A 327 22.74 25.66 -9.46
CA PHE A 327 21.68 24.68 -9.55
C PHE A 327 21.77 23.74 -10.75
N ASP A 328 22.82 23.90 -11.57
CA ASP A 328 23.12 22.98 -12.67
C ASP A 328 23.38 21.57 -12.17
N ALA A 329 24.03 21.47 -11.02
CA ALA A 329 24.36 20.19 -10.41
C ALA A 329 23.20 19.63 -9.55
N PHE A 330 22.12 20.40 -9.42
CA PHE A 330 20.97 19.99 -8.63
C PHE A 330 20.44 18.58 -9.00
N PRO A 331 20.16 18.30 -10.31
CA PRO A 331 19.72 16.96 -10.70
C PRO A 331 20.78 15.85 -10.56
N ASP A 332 22.05 16.22 -10.43
CA ASP A 332 23.12 15.24 -10.12
C ASP A 332 23.16 14.84 -8.65
N LYS A 333 22.54 15.63 -7.79
CA LYS A 333 22.57 15.39 -6.35
C LYS A 333 21.20 15.05 -5.74
N VAL A 334 20.13 15.23 -6.54
CA VAL A 334 18.76 15.08 -6.04
C VAL A 334 17.88 14.36 -7.07
N ALA A 335 17.19 13.31 -6.61
CA ALA A 335 16.04 12.73 -7.33
C ALA A 335 14.78 12.85 -6.46
N ILE A 336 13.68 13.26 -7.08
CA ILE A 336 12.39 13.33 -6.42
C ILE A 336 11.43 12.38 -7.14
N GLN A 337 10.94 11.39 -6.40
CA GLN A 337 9.98 10.43 -6.91
C GLN A 337 8.60 10.76 -6.37
N LEU A 338 7.67 10.98 -7.30
CA LEU A 338 6.29 11.31 -6.92
C LEU A 338 5.46 10.03 -6.92
N ASN A 339 4.97 9.66 -5.73
CA ASN A 339 4.12 8.47 -5.58
C ASN A 339 2.68 8.87 -5.94
N ASP A 340 2.27 8.59 -7.18
CA ASP A 340 1.01 9.08 -7.75
C ASP A 340 1.08 10.60 -7.94
N THR A 341 -0.06 11.24 -8.25
CA THR A 341 -0.08 12.69 -8.50
C THR A 341 -0.26 13.47 -7.19
N HIS A 342 -0.47 12.76 -6.08
CA HIS A 342 -0.71 13.44 -4.80
C HIS A 342 0.33 14.53 -4.46
N PRO A 343 1.65 14.28 -4.69
CA PRO A 343 2.59 15.38 -4.51
C PRO A 343 3.01 16.09 -5.81
N SER A 344 2.13 16.13 -6.81
CA SER A 344 2.41 16.76 -8.12
C SER A 344 2.75 18.24 -8.03
N LEU A 345 2.27 18.90 -6.98
CA LEU A 345 2.60 20.31 -6.76
C LEU A 345 4.09 20.55 -6.53
N ALA A 346 4.88 19.50 -6.31
CA ALA A 346 6.36 19.60 -6.31
C ALA A 346 6.91 20.25 -7.59
N ILE A 347 6.27 20.00 -8.72
CA ILE A 347 6.74 20.53 -10.01
C ILE A 347 6.59 22.08 -10.07
N PRO A 348 5.36 22.63 -9.90
CA PRO A 348 5.31 24.10 -9.90
C PRO A 348 5.98 24.76 -8.68
N GLU A 349 6.04 24.07 -7.54
CA GLU A 349 6.75 24.59 -6.37
C GLU A 349 8.26 24.69 -6.61
N LEU A 350 8.84 23.64 -7.20
CA LEU A 350 10.26 23.73 -7.57
C LEU A 350 10.51 24.91 -8.53
N MET A 351 9.63 25.06 -9.53
CA MET A 351 9.70 26.20 -10.45
C MET A 351 9.57 27.54 -9.72
N ARG A 352 8.63 27.64 -8.79
CA ARG A 352 8.43 28.84 -7.98
C ARG A 352 9.71 29.24 -7.23
N VAL A 353 10.32 28.27 -6.55
CA VAL A 353 11.52 28.53 -5.78
C VAL A 353 12.68 28.95 -6.68
N LEU A 354 12.92 28.18 -7.76
CA LEU A 354 14.03 28.47 -8.67
C LEU A 354 13.91 29.81 -9.41
N VAL A 355 12.70 30.16 -9.80
CA VAL A 355 12.45 31.38 -10.58
C VAL A 355 12.24 32.62 -9.69
N ASP A 356 11.29 32.54 -8.75
CA ASP A 356 10.93 33.69 -7.91
C ASP A 356 11.93 33.98 -6.81
N LEU A 357 12.54 32.94 -6.24
CA LEU A 357 13.42 33.13 -5.08
C LEU A 357 14.88 33.11 -5.45
N GLU A 358 15.28 32.14 -6.29
CA GLU A 358 16.68 31.96 -6.69
C GLU A 358 17.05 32.74 -7.95
N ARG A 359 16.02 33.22 -8.64
CA ARG A 359 16.18 34.13 -9.80
C ARG A 359 16.86 33.48 -11.02
N LEU A 360 16.61 32.19 -11.21
CA LEU A 360 17.01 31.50 -12.42
C LEU A 360 16.03 31.87 -13.52
N ASP A 361 16.50 31.87 -14.76
CA ASP A 361 15.60 32.06 -15.89
C ASP A 361 14.72 30.81 -16.04
N TRP A 362 13.56 31.01 -16.65
CA TRP A 362 12.56 29.96 -16.82
C TRP A 362 13.12 28.66 -17.43
N ASP A 363 13.78 28.76 -18.58
CA ASP A 363 14.26 27.57 -19.32
C ASP A 363 15.26 26.74 -18.52
N LYS A 364 16.14 27.41 -17.79
CA LYS A 364 17.11 26.73 -16.94
C LYS A 364 16.42 26.00 -15.78
N ALA A 365 15.53 26.71 -15.08
CA ALA A 365 14.72 26.15 -14.01
C ALA A 365 13.90 24.93 -14.46
N TRP A 366 13.28 25.04 -15.63
CA TRP A 366 12.52 23.95 -16.22
C TRP A 366 13.37 22.70 -16.50
N GLU A 367 14.56 22.91 -17.06
CA GLU A 367 15.51 21.83 -17.31
C GLU A 367 15.87 21.10 -16.01
N VAL A 368 16.18 21.87 -14.96
CA VAL A 368 16.49 21.33 -13.63
C VAL A 368 15.31 20.52 -13.08
N THR A 369 14.12 21.09 -13.16
CA THR A 369 12.90 20.47 -12.64
C THR A 369 12.62 19.11 -13.30
N VAL A 370 12.61 19.10 -14.63
CA VAL A 370 12.34 17.90 -15.42
C VAL A 370 13.34 16.79 -15.09
N LYS A 371 14.62 17.15 -15.05
CA LYS A 371 15.69 16.20 -14.71
C LYS A 371 15.67 15.68 -13.27
N THR A 372 15.08 16.45 -12.36
CA THR A 372 14.93 16.04 -10.96
C THR A 372 13.72 15.10 -10.69
N CYS A 373 12.60 15.39 -11.34
CA CYS A 373 11.33 14.74 -11.01
C CYS A 373 11.00 13.52 -11.85
N ALA A 374 10.38 12.53 -11.20
CA ALA A 374 9.84 11.36 -11.86
C ALA A 374 8.51 10.95 -11.22
N TYR A 375 7.64 10.39 -12.02
CA TYR A 375 6.27 10.19 -11.63
C TYR A 375 5.84 8.75 -11.82
N THR A 376 5.26 8.17 -10.76
CA THR A 376 4.68 6.83 -10.79
C THR A 376 3.14 6.87 -10.78
N ASN A 377 2.54 6.31 -11.84
CA ASN A 377 1.10 6.17 -11.97
C ASN A 377 0.65 4.85 -11.35
N HIS A 378 -0.46 4.88 -10.62
CA HIS A 378 -0.99 3.72 -9.88
C HIS A 378 -2.36 3.17 -10.33
N THR A 379 -3.03 3.85 -11.25
CA THR A 379 -4.36 3.40 -11.71
C THR A 379 -4.79 4.06 -13.01
N VAL A 380 -5.67 3.38 -13.75
CA VAL A 380 -6.25 3.95 -14.96
C VAL A 380 -7.70 4.36 -14.76
N LEU A 381 -8.29 4.03 -13.61
CA LEU A 381 -9.69 4.35 -13.35
C LEU A 381 -9.89 5.87 -13.34
N PRO A 382 -10.82 6.38 -14.18
CA PRO A 382 -11.04 7.82 -14.34
C PRO A 382 -11.41 8.54 -13.05
N GLU A 383 -12.18 7.89 -12.18
CA GLU A 383 -12.63 8.51 -10.94
C GLU A 383 -11.52 8.70 -9.88
N ALA A 384 -10.35 8.11 -10.13
CA ALA A 384 -9.18 8.23 -9.25
C ALA A 384 -8.24 9.38 -9.64
N LEU A 385 -8.37 9.86 -10.88
CA LEU A 385 -7.48 10.89 -11.39
C LEU A 385 -7.77 12.23 -10.74
N GLU A 386 -6.72 12.89 -10.27
CA GLU A 386 -6.85 14.20 -9.63
C GLU A 386 -7.02 15.31 -10.65
N ARG A 387 -8.18 15.96 -10.59
CA ARG A 387 -8.49 17.05 -11.50
C ARG A 387 -9.00 18.21 -10.66
N TRP A 388 -8.11 19.10 -10.26
CA TRP A 388 -8.43 20.12 -9.28
C TRP A 388 -9.14 21.32 -9.94
N PRO A 389 -10.29 21.76 -9.38
CA PRO A 389 -10.92 23.00 -9.85
C PRO A 389 -9.96 24.19 -9.81
N VAL A 390 -9.91 24.93 -10.91
CA VAL A 390 -9.09 26.13 -11.03
C VAL A 390 -9.39 27.14 -9.91
N HIS A 391 -10.67 27.30 -9.56
CA HIS A 391 -11.08 28.29 -8.54
C HIS A 391 -10.46 28.00 -7.16
N LEU A 392 -10.29 26.72 -6.85
CA LEU A 392 -9.57 26.29 -5.64
C LEU A 392 -8.11 26.70 -5.65
N LEU A 393 -7.40 26.40 -6.74
CA LEU A 393 -5.98 26.75 -6.85
C LEU A 393 -5.80 28.25 -6.89
N GLU A 394 -6.74 28.94 -7.54
CA GLU A 394 -6.73 30.40 -7.63
C GLU A 394 -6.73 31.08 -6.25
N THR A 395 -7.57 30.59 -5.34
CA THR A 395 -7.67 31.13 -3.98
C THR A 395 -6.49 30.68 -3.12
N LEU A 396 -6.21 29.39 -3.14
CA LEU A 396 -5.25 28.81 -2.21
C LEU A 396 -3.81 29.06 -2.61
N LEU A 397 -3.53 28.92 -3.90
CA LEU A 397 -2.16 28.90 -4.41
C LEU A 397 -2.04 29.72 -5.71
N PRO A 398 -2.30 31.05 -5.61
CA PRO A 398 -2.39 31.90 -6.82
C PRO A 398 -1.13 31.91 -7.69
N ARG A 399 0.05 31.83 -7.07
CA ARG A 399 1.29 31.82 -7.83
C ARG A 399 1.48 30.49 -8.58
N HIS A 400 1.16 29.38 -7.93
CA HIS A 400 1.25 28.06 -8.56
C HIS A 400 0.34 27.94 -9.78
N LEU A 401 -0.87 28.52 -9.70
CA LEU A 401 -1.78 28.53 -10.86
C LEU A 401 -1.14 29.27 -12.05
N GLN A 402 -0.51 30.41 -11.79
CA GLN A 402 0.17 31.18 -12.85
C GLN A 402 1.27 30.34 -13.48
N ILE A 403 2.02 29.64 -12.64
CA ILE A 403 3.11 28.80 -13.13
C ILE A 403 2.58 27.64 -13.97
N ILE A 404 1.51 27.00 -13.50
CA ILE A 404 0.84 25.91 -14.23
C ILE A 404 0.36 26.38 -15.62
N TYR A 405 -0.20 27.60 -15.68
CA TYR A 405 -0.65 28.16 -16.97
C TYR A 405 0.51 28.34 -17.95
N GLU A 406 1.64 28.83 -17.44
CA GLU A 406 2.86 29.05 -18.20
C GLU A 406 3.49 27.72 -18.68
N ILE A 407 3.53 26.72 -17.80
CA ILE A 407 3.96 25.37 -18.18
C ILE A 407 3.08 24.89 -19.34
N ASN A 408 1.76 25.03 -19.18
CA ASN A 408 0.80 24.55 -20.16
C ASN A 408 1.01 25.17 -21.55
N GLN A 409 1.17 26.49 -21.57
CA GLN A 409 1.37 27.26 -22.81
C GLN A 409 2.63 26.80 -23.55
N ARG A 410 3.73 26.67 -22.81
CA ARG A 410 4.98 26.21 -23.39
C ARG A 410 4.95 24.75 -23.85
N PHE A 411 4.28 23.89 -23.08
CA PHE A 411 4.10 22.48 -23.45
C PHE A 411 3.27 22.32 -24.73
N LEU A 412 2.15 23.03 -24.80
CA LEU A 412 1.27 23.00 -25.97
C LEU A 412 1.91 23.61 -27.22
N ASN A 413 2.78 24.61 -27.05
CA ASN A 413 3.59 25.12 -28.16
C ASN A 413 4.47 24.02 -28.77
N ARG A 414 5.03 23.17 -27.93
CA ARG A 414 5.82 22.03 -28.39
C ARG A 414 4.95 20.99 -29.11
N VAL A 415 3.75 20.76 -28.58
CA VAL A 415 2.81 19.82 -29.22
C VAL A 415 2.43 20.30 -30.62
N ALA A 416 2.09 21.59 -30.71
CA ALA A 416 1.72 22.25 -31.98
C ALA A 416 2.81 22.15 -33.04
N ALA A 417 4.07 22.26 -32.62
CA ALA A 417 5.22 22.18 -33.52
C ALA A 417 5.48 20.75 -34.00
N ALA A 418 5.18 19.77 -33.15
CA ALA A 418 5.38 18.36 -33.49
C ALA A 418 4.23 17.79 -34.32
N PHE A 419 3.00 18.25 -34.07
CA PHE A 419 1.82 17.76 -34.75
C PHE A 419 1.00 18.93 -35.31
N PRO A 420 1.52 19.62 -36.35
CA PRO A 420 0.86 20.86 -36.78
C PRO A 420 -0.56 20.63 -37.28
N GLY A 421 -1.48 21.51 -36.90
CA GLY A 421 -2.88 21.45 -37.30
C GLY A 421 -3.73 20.46 -36.55
N ASP A 422 -3.13 19.64 -35.67
CA ASP A 422 -3.89 18.65 -34.90
C ASP A 422 -4.50 19.32 -33.67
N VAL A 423 -5.63 20.01 -33.89
CA VAL A 423 -6.28 20.81 -32.85
C VAL A 423 -6.91 19.97 -31.75
N ASP A 424 -7.41 18.77 -32.08
CA ASP A 424 -7.98 17.92 -31.04
C ASP A 424 -6.91 17.38 -30.07
N ARG A 425 -5.72 17.10 -30.58
CA ARG A 425 -4.59 16.67 -29.75
C ARG A 425 -4.27 17.75 -28.72
N LEU A 426 -4.21 19.01 -29.16
CA LEU A 426 -4.00 20.16 -28.27
C LEU A 426 -4.98 20.19 -27.12
N ARG A 427 -6.26 20.02 -27.42
CA ARG A 427 -7.32 19.93 -26.42
C ARG A 427 -7.13 18.73 -25.48
N ARG A 428 -6.82 17.57 -26.05
CA ARG A 428 -6.64 16.34 -25.27
C ARG A 428 -5.43 16.39 -24.31
N MET A 429 -4.37 17.07 -24.73
CA MET A 429 -3.11 17.05 -23.97
C MET A 429 -2.98 18.19 -22.98
N SER A 430 -3.87 19.18 -23.09
CA SER A 430 -3.79 20.36 -22.24
C SER A 430 -3.79 19.97 -20.75
N LEU A 431 -3.07 20.73 -19.94
CA LEU A 431 -3.13 20.51 -18.48
C LEU A 431 -4.41 21.13 -17.97
N VAL A 432 -4.95 22.11 -18.72
CA VAL A 432 -6.21 22.76 -18.37
C VAL A 432 -7.36 22.05 -19.08
N GLU A 433 -8.30 21.53 -18.31
CA GLU A 433 -9.54 20.95 -18.84
C GLU A 433 -10.68 21.96 -18.89
N GLU A 434 -11.27 22.09 -20.07
CA GLU A 434 -12.44 22.95 -20.28
C GLU A 434 -13.73 22.24 -19.84
N GLY A 435 -14.75 23.02 -19.50
CA GLY A 435 -16.06 22.46 -19.13
C GLY A 435 -16.92 23.36 -18.26
N ALA A 436 -17.87 22.76 -17.54
CA ALA A 436 -18.70 23.46 -16.55
C ALA A 436 -17.79 24.17 -15.55
N VAL A 437 -16.93 23.40 -14.89
CA VAL A 437 -15.82 23.95 -14.09
C VAL A 437 -14.49 23.64 -14.79
N LYS A 438 -13.65 24.66 -14.93
CA LYS A 438 -12.29 24.48 -15.41
C LYS A 438 -11.50 23.71 -14.35
N ARG A 439 -10.70 22.74 -14.80
CA ARG A 439 -9.90 21.89 -13.91
C ARG A 439 -8.48 21.76 -14.41
N ILE A 440 -7.56 21.50 -13.48
CA ILE A 440 -6.18 21.14 -13.82
C ILE A 440 -6.02 19.62 -13.72
N ASN A 441 -5.57 18.99 -14.80
CA ASN A 441 -5.29 17.57 -14.80
C ASN A 441 -3.88 17.36 -14.23
N MET A 442 -3.81 16.83 -13.01
CA MET A 442 -2.51 16.68 -12.33
C MET A 442 -1.60 15.63 -12.97
N ALA A 443 -2.20 14.61 -13.57
CA ALA A 443 -1.45 13.58 -14.30
C ALA A 443 -0.73 14.17 -15.51
N HIS A 444 -1.39 15.08 -16.22
CA HIS A 444 -0.76 15.75 -17.38
C HIS A 444 0.37 16.65 -16.92
N LEU A 445 0.19 17.30 -15.76
CA LEU A 445 1.25 18.13 -15.18
C LEU A 445 2.49 17.28 -14.85
N CYS A 446 2.27 16.12 -14.23
CA CYS A 446 3.35 15.19 -13.87
C CYS A 446 4.14 14.69 -15.07
N ILE A 447 3.44 14.34 -16.17
CA ILE A 447 4.12 13.87 -17.38
C ILE A 447 4.99 14.97 -18.00
N ALA A 448 4.41 16.16 -18.17
CA ALA A 448 5.13 17.32 -18.72
C ALA A 448 6.39 17.67 -17.92
N GLY A 449 6.29 17.56 -16.60
CA GLY A 449 7.37 18.00 -15.70
C GLY A 449 8.31 16.94 -15.16
N SER A 450 8.19 15.71 -15.66
CA SER A 450 9.07 14.59 -15.25
C SER A 450 9.89 14.01 -16.41
N HIS A 451 11.11 13.58 -16.12
CA HIS A 451 11.92 12.88 -17.14
C HIS A 451 11.57 11.38 -17.26
N ALA A 452 10.78 10.87 -16.31
CA ALA A 452 10.36 9.46 -16.31
C ALA A 452 8.98 9.33 -15.76
N VAL A 453 8.19 8.49 -16.43
CA VAL A 453 6.83 8.15 -16.06
C VAL A 453 6.75 6.62 -16.10
N ASN A 454 6.37 6.01 -14.98
CA ASN A 454 6.27 4.55 -14.96
C ASN A 454 4.93 4.04 -14.48
N GLY A 455 4.51 2.92 -15.07
CA GLY A 455 3.42 2.13 -14.53
C GLY A 455 4.02 1.04 -13.64
N VAL A 456 3.15 0.25 -13.04
CA VAL A 456 3.53 -0.58 -11.88
C VAL A 456 3.47 -2.08 -12.15
N ALA A 457 3.16 -2.45 -13.39
CA ALA A 457 3.22 -3.83 -13.89
C ALA A 457 3.22 -3.75 -15.41
N ARG A 458 3.78 -4.76 -16.07
CA ARG A 458 3.97 -4.70 -17.52
C ARG A 458 2.68 -4.37 -18.28
N ILE A 459 1.58 -5.04 -17.94
CA ILE A 459 0.29 -4.83 -18.64
C ILE A 459 -0.24 -3.39 -18.43
N HIS A 460 -0.02 -2.86 -17.22
CA HIS A 460 -0.46 -1.53 -16.85
C HIS A 460 0.35 -0.48 -17.61
N SER A 461 1.67 -0.66 -17.66
CA SER A 461 2.54 0.25 -18.41
C SER A 461 2.22 0.28 -19.91
N GLU A 462 1.87 -0.89 -20.47
CA GLU A 462 1.39 -1.00 -21.86
C GLU A 462 0.05 -0.28 -22.07
N ILE A 463 -0.90 -0.46 -21.15
CA ILE A 463 -2.19 0.23 -21.21
C ILE A 463 -2.00 1.77 -21.19
N LEU A 464 -1.07 2.24 -20.35
CA LEU A 464 -0.75 3.67 -20.30
C LEU A 464 -0.32 4.21 -21.67
N LYS A 465 0.53 3.46 -22.36
CA LYS A 465 1.05 3.85 -23.69
C LYS A 465 0.01 3.76 -24.82
N LYS A 466 -0.92 2.81 -24.70
CA LYS A 466 -1.94 2.53 -25.72
C LYS A 466 -3.19 3.36 -25.59
N THR A 467 -3.57 3.70 -24.36
CA THR A 467 -4.86 4.35 -24.11
C THR A 467 -4.71 5.74 -23.47
N ILE A 468 -4.72 5.82 -22.13
CA ILE A 468 -4.89 7.11 -21.46
C ILE A 468 -3.79 8.14 -21.65
N PHE A 469 -2.55 7.68 -21.86
CA PHE A 469 -1.43 8.61 -22.12
C PHE A 469 -0.83 8.45 -23.52
N LYS A 470 -1.59 7.85 -24.43
CA LYS A 470 -1.17 7.64 -25.83
C LYS A 470 -0.56 8.88 -26.50
N ASP A 471 -1.24 10.02 -26.39
CA ASP A 471 -0.77 11.28 -26.95
C ASP A 471 0.63 11.69 -26.44
N PHE A 472 0.83 11.55 -25.13
CA PHE A 472 2.08 11.87 -24.45
C PHE A 472 3.19 10.91 -24.85
N TYR A 473 2.85 9.64 -24.97
CA TYR A 473 3.80 8.64 -25.44
C TYR A 473 4.28 8.93 -26.88
N GLU A 474 3.39 9.41 -27.75
CA GLU A 474 3.78 9.75 -29.13
C GLU A 474 4.71 10.94 -29.19
N LEU A 475 4.47 11.92 -28.30
CA LEU A 475 5.35 13.09 -28.18
C LEU A 475 6.70 12.77 -27.58
N GLU A 476 6.71 12.04 -26.46
CA GLU A 476 7.99 11.76 -25.75
C GLU A 476 8.08 10.28 -25.36
N PRO A 477 8.34 9.38 -26.35
CA PRO A 477 8.35 7.93 -26.06
C PRO A 477 9.35 7.51 -24.98
N HIS A 478 10.47 8.21 -24.92
CA HIS A 478 11.58 7.90 -24.00
C HIS A 478 11.22 8.04 -22.50
N LYS A 479 10.25 8.89 -22.17
CA LYS A 479 9.79 9.07 -20.79
C LYS A 479 9.14 7.84 -20.15
N PHE A 480 8.53 7.01 -20.98
CA PHE A 480 7.64 5.97 -20.49
C PHE A 480 8.34 4.66 -20.17
N GLN A 481 8.23 4.22 -18.91
CA GLN A 481 8.88 2.99 -18.43
C GLN A 481 7.90 2.09 -17.69
N ASN A 482 8.32 0.86 -17.48
CA ASN A 482 7.68 -0.05 -16.53
C ASN A 482 8.59 -0.30 -15.34
N LYS A 483 8.01 -0.31 -14.14
CA LYS A 483 8.67 -0.84 -12.95
C LYS A 483 7.66 -1.70 -12.20
N THR A 484 7.71 -3.02 -12.42
CA THR A 484 6.75 -3.91 -11.77
C THR A 484 6.94 -3.82 -10.25
N ASN A 485 5.82 -3.67 -9.55
CA ASN A 485 5.79 -3.65 -8.07
C ASN A 485 6.42 -4.89 -7.44
N GLY A 486 6.76 -4.77 -6.17
CA GLY A 486 7.28 -5.87 -5.38
C GLY A 486 6.93 -5.65 -3.92
N ILE A 487 7.31 -6.62 -3.09
CA ILE A 487 7.08 -6.59 -1.64
C ILE A 487 8.40 -6.93 -0.95
N THR A 488 8.57 -6.46 0.29
CA THR A 488 9.78 -6.78 1.01
C THR A 488 9.72 -8.19 1.61
N PRO A 489 10.71 -9.04 1.30
CA PRO A 489 10.68 -10.38 1.88
C PRO A 489 11.04 -10.41 3.37
N ARG A 490 11.46 -9.26 3.94
CA ARG A 490 11.68 -9.17 5.39
C ARG A 490 10.36 -9.26 6.14
N ARG A 491 9.51 -8.22 6.01
CA ARG A 491 8.17 -8.26 6.61
C ARG A 491 7.31 -9.44 6.12
N TRP A 492 7.34 -9.69 4.80
CA TRP A 492 6.36 -10.57 4.17
C TRP A 492 6.80 -12.02 4.03
N LEU A 493 7.93 -12.37 4.63
CA LEU A 493 8.29 -13.79 4.79
C LEU A 493 8.89 -14.07 6.15
N VAL A 494 10.07 -13.49 6.42
CA VAL A 494 10.84 -13.77 7.65
C VAL A 494 10.04 -13.38 8.91
N LEU A 495 9.47 -12.18 8.89
CA LEU A 495 8.71 -11.68 10.03
C LEU A 495 7.40 -12.44 10.25
N CYS A 496 6.58 -12.57 9.21
CA CYS A 496 5.24 -13.12 9.38
C CYS A 496 5.19 -14.65 9.26
N ASN A 497 6.21 -15.25 8.66
CA ASN A 497 6.21 -16.70 8.43
C ASN A 497 7.57 -17.32 8.76
N PRO A 498 8.00 -17.24 10.05
CA PRO A 498 9.34 -17.73 10.41
C PRO A 498 9.52 -19.23 10.13
N GLY A 499 8.46 -20.02 10.34
CA GLY A 499 8.47 -21.46 10.04
C GLY A 499 8.82 -21.77 8.59
N LEU A 500 8.30 -20.98 7.66
CA LEU A 500 8.60 -21.21 6.25
C LEU A 500 9.99 -20.71 5.90
N ALA A 501 10.36 -19.55 6.41
CA ALA A 501 11.70 -19.01 6.21
C ALA A 501 12.80 -19.99 6.67
N GLU A 502 12.53 -20.70 7.76
CA GLU A 502 13.48 -21.64 8.37
C GLU A 502 13.70 -22.91 7.54
N ILE A 503 12.60 -23.57 7.13
CA ILE A 503 12.68 -24.78 6.29
C ILE A 503 13.34 -24.50 4.94
N ILE A 504 13.16 -23.28 4.43
CA ILE A 504 13.87 -22.82 3.24
C ILE A 504 15.36 -22.64 3.53
N ALA A 505 15.67 -21.96 4.64
CA ALA A 505 17.07 -21.70 5.03
C ALA A 505 17.87 -22.99 5.27
N GLU A 506 17.22 -23.98 5.87
CA GLU A 506 17.81 -25.32 6.08
C GLU A 506 18.38 -25.93 4.80
N ARG A 507 17.69 -25.72 3.67
CA ARG A 507 18.14 -26.28 2.40
C ARG A 507 19.10 -25.37 1.64
N ILE A 508 18.80 -24.07 1.59
CA ILE A 508 19.53 -23.19 0.66
C ILE A 508 20.34 -22.06 1.32
N GLY A 509 20.32 -22.01 2.66
CA GLY A 509 21.04 -20.95 3.38
C GLY A 509 20.17 -19.71 3.55
N GLU A 510 20.81 -18.63 4.02
CA GLU A 510 20.11 -17.40 4.41
C GLU A 510 20.18 -16.26 3.42
N GLU A 511 21.01 -16.40 2.39
CA GLU A 511 21.30 -15.33 1.43
C GLU A 511 20.07 -14.86 0.63
N TYR A 512 19.06 -15.74 0.51
CA TYR A 512 17.84 -15.44 -0.26
C TYR A 512 17.03 -14.27 0.34
N ILE A 513 17.18 -14.04 1.65
CA ILE A 513 16.45 -12.99 2.36
C ILE A 513 16.73 -11.60 1.76
N SER A 514 17.95 -11.38 1.29
CA SER A 514 18.25 -10.14 0.55
C SER A 514 18.62 -10.37 -0.93
N ASP A 515 18.28 -11.55 -1.45
CA ASP A 515 18.52 -11.89 -2.86
C ASP A 515 17.48 -12.96 -3.21
N LEU A 516 16.23 -12.51 -3.37
CA LEU A 516 15.10 -13.45 -3.43
C LEU A 516 15.08 -14.39 -4.63
N ASP A 517 15.79 -14.01 -5.70
CA ASP A 517 15.99 -14.88 -6.87
C ASP A 517 16.55 -16.26 -6.53
N GLN A 518 17.27 -16.35 -5.41
CA GLN A 518 17.83 -17.62 -4.93
C GLN A 518 16.79 -18.68 -4.57
N LEU A 519 15.54 -18.26 -4.35
CA LEU A 519 14.42 -19.19 -4.14
C LEU A 519 14.22 -20.19 -5.30
N ARG A 520 14.72 -19.83 -6.48
CA ARG A 520 14.73 -20.69 -7.67
C ARG A 520 15.44 -22.04 -7.41
N LYS A 521 16.40 -22.05 -6.48
CA LYS A 521 17.08 -23.27 -6.04
C LYS A 521 16.10 -24.30 -5.47
N LEU A 522 14.94 -23.84 -4.98
CA LEU A 522 13.91 -24.75 -4.43
C LEU A 522 13.22 -25.68 -5.43
N LEU A 523 13.39 -25.42 -6.73
CA LEU A 523 12.86 -26.29 -7.78
C LEU A 523 13.47 -27.71 -7.70
N SER A 524 14.70 -27.78 -7.17
CA SER A 524 15.41 -29.05 -6.91
C SER A 524 14.80 -29.92 -5.82
N TYR A 525 13.78 -29.41 -5.13
CA TYR A 525 13.19 -30.13 -4.01
C TYR A 525 11.73 -30.46 -4.23
N VAL A 526 11.25 -30.24 -5.45
CA VAL A 526 9.84 -30.45 -5.81
C VAL A 526 9.41 -31.92 -5.71
N ASP A 527 10.38 -32.83 -5.89
CA ASP A 527 10.18 -34.28 -5.72
C ASP A 527 10.80 -34.85 -4.43
N ASP A 528 11.27 -33.94 -3.56
CA ASP A 528 11.85 -34.30 -2.26
C ASP A 528 10.73 -34.49 -1.24
N GLU A 529 10.59 -35.72 -0.77
CA GLU A 529 9.50 -36.11 0.13
C GLU A 529 9.57 -35.43 1.49
N ALA A 530 10.79 -35.18 1.97
CA ALA A 530 11.01 -34.50 3.24
C ALA A 530 10.53 -33.04 3.14
N PHE A 531 10.98 -32.34 2.09
CA PHE A 531 10.57 -30.95 1.81
C PHE A 531 9.06 -30.77 1.60
N ILE A 532 8.44 -31.65 0.81
CA ILE A 532 6.97 -31.69 0.62
C ILE A 532 6.24 -31.71 1.98
N ARG A 533 6.66 -32.63 2.85
CA ARG A 533 6.09 -32.78 4.18
C ARG A 533 6.31 -31.53 5.06
N ASP A 534 7.49 -30.92 4.98
CA ASP A 534 7.79 -29.70 5.75
C ASP A 534 6.97 -28.49 5.32
N VAL A 535 6.87 -28.27 4.00
CA VAL A 535 6.03 -27.19 3.43
C VAL A 535 4.58 -27.33 3.90
N ALA A 536 4.03 -28.55 3.77
CA ALA A 536 2.66 -28.84 4.19
C ALA A 536 2.45 -28.73 5.69
N LYS A 537 3.46 -29.11 6.48
CA LYS A 537 3.41 -28.96 7.93
C LYS A 537 3.42 -27.49 8.40
N VAL A 538 4.26 -26.66 7.76
CA VAL A 538 4.32 -25.23 8.07
C VAL A 538 2.97 -24.56 7.82
N LYS A 539 2.34 -24.88 6.68
CA LYS A 539 0.98 -24.39 6.38
C LYS A 539 -0.05 -24.82 7.43
N GLN A 540 -0.06 -26.10 7.78
CA GLN A 540 -0.98 -26.61 8.81
C GLN A 540 -0.82 -25.87 10.16
N GLU A 541 0.44 -25.69 10.58
CA GLU A 541 0.75 -24.93 11.80
C GLU A 541 0.25 -23.47 11.73
N ASN A 542 0.44 -22.82 10.58
CA ASN A 542 -0.05 -21.44 10.36
C ASN A 542 -1.57 -21.36 10.45
N LYS A 543 -2.23 -22.38 9.89
CA LYS A 543 -3.69 -22.45 9.88
C LYS A 543 -4.29 -22.68 11.27
N LEU A 544 -3.65 -23.54 12.07
CA LEU A 544 -4.06 -23.80 13.46
C LEU A 544 -3.90 -22.56 14.33
N LYS A 545 -2.78 -21.87 14.18
CA LYS A 545 -2.48 -20.63 14.91
C LYS A 545 -3.51 -19.54 14.57
N PHE A 546 -3.85 -19.40 13.30
CA PHE A 546 -4.88 -18.44 12.88
C PHE A 546 -6.29 -18.82 13.32
N ALA A 547 -6.60 -20.12 13.27
CA ALA A 547 -7.88 -20.64 13.78
C ALA A 547 -8.06 -20.38 15.27
N ALA A 548 -6.96 -20.50 16.02
CA ALA A 548 -6.91 -20.20 17.45
C ALA A 548 -7.07 -18.70 17.68
N TYR A 549 -6.46 -17.88 16.81
CA TYR A 549 -6.58 -16.42 16.89
C TYR A 549 -8.03 -15.97 16.76
N LEU A 550 -8.76 -16.58 15.81
CA LEU A 550 -10.15 -16.20 15.55
C LEU A 550 -11.10 -16.50 16.71
N GLU A 551 -10.87 -17.63 17.39
CA GLU A 551 -11.66 -17.99 18.57
C GLU A 551 -11.41 -17.04 19.74
N ARG A 552 -10.14 -16.91 20.13
CA ARG A 552 -9.74 -16.09 21.28
C ARG A 552 -10.14 -14.61 21.17
N GLU A 553 -10.06 -14.06 19.95
CA GLU A 553 -10.25 -12.63 19.73
C GLU A 553 -11.60 -12.22 19.15
N TYR A 554 -12.30 -13.16 18.52
CA TYR A 554 -13.58 -12.87 17.86
C TYR A 554 -14.71 -13.89 18.09
N LYS A 555 -14.50 -14.82 19.02
CA LYS A 555 -15.51 -15.82 19.45
C LYS A 555 -16.21 -16.56 18.29
N VAL A 556 -15.41 -16.96 17.30
CA VAL A 556 -15.93 -17.63 16.10
C VAL A 556 -15.11 -18.88 15.78
N HIS A 557 -15.80 -20.00 15.54
CA HIS A 557 -15.16 -21.30 15.30
C HIS A 557 -15.01 -21.67 13.82
N ILE A 558 -13.80 -22.09 13.44
CA ILE A 558 -13.51 -22.60 12.09
C ILE A 558 -12.80 -23.95 12.08
N ASN A 559 -13.11 -24.76 11.07
CA ASN A 559 -12.48 -26.06 10.83
C ASN A 559 -11.09 -25.88 10.18
N PRO A 560 -10.02 -26.27 10.90
CA PRO A 560 -8.65 -26.05 10.40
C PRO A 560 -8.22 -27.01 9.27
N ASN A 561 -9.02 -28.03 9.01
CA ASN A 561 -8.79 -28.97 7.90
C ASN A 561 -9.36 -28.52 6.56
N SER A 562 -10.17 -27.46 6.58
CA SER A 562 -10.78 -26.92 5.36
C SER A 562 -9.79 -26.12 4.51
N LEU A 563 -10.11 -25.94 3.24
CA LEU A 563 -9.35 -25.07 2.35
C LEU A 563 -9.60 -23.61 2.79
N PHE A 564 -8.53 -22.88 3.08
CA PHE A 564 -8.63 -21.47 3.48
C PHE A 564 -8.62 -20.58 2.23
N ASP A 565 -9.81 -20.07 1.90
CA ASP A 565 -10.09 -19.34 0.66
C ASP A 565 -10.20 -17.86 1.07
N VAL A 566 -9.21 -17.07 0.66
CA VAL A 566 -9.00 -15.74 1.24
C VAL A 566 -8.98 -14.62 0.19
N GLN A 567 -9.83 -13.61 0.40
CA GLN A 567 -9.78 -12.38 -0.37
C GLN A 567 -9.69 -11.21 0.61
N VAL A 568 -8.50 -10.65 0.75
CA VAL A 568 -8.27 -9.49 1.63
C VAL A 568 -7.64 -8.34 0.84
N LYS A 569 -8.27 -7.17 0.92
CA LYS A 569 -7.94 -5.99 0.11
C LYS A 569 -9.08 -5.00 0.36
N ARG A 570 -8.89 -3.74 0.01
CA ARG A 570 -9.95 -2.74 0.10
C ARG A 570 -11.21 -3.16 -0.68
N ILE A 571 -12.38 -2.85 -0.13
CA ILE A 571 -13.64 -3.14 -0.80
C ILE A 571 -13.88 -2.15 -1.95
N HIS A 572 -13.95 -2.69 -3.16
CA HIS A 572 -14.24 -1.90 -4.35
CA HIS A 572 -14.15 -1.93 -4.41
C HIS A 572 -14.98 -2.75 -5.37
N GLU A 573 -15.83 -2.10 -6.15
CA GLU A 573 -16.50 -2.81 -7.25
C GLU A 573 -15.53 -3.44 -8.26
N TYR A 574 -14.43 -2.76 -8.57
CA TYR A 574 -13.44 -3.30 -9.53
C TYR A 574 -12.75 -4.59 -9.06
N LYS A 575 -12.58 -4.72 -7.74
CA LYS A 575 -11.90 -5.87 -7.14
C LYS A 575 -12.83 -7.09 -7.08
N ARG A 576 -14.13 -6.85 -7.25
CA ARG A 576 -15.15 -7.90 -7.46
C ARG A 576 -15.30 -8.92 -6.32
N GLN A 577 -15.25 -8.44 -5.08
CA GLN A 577 -15.71 -9.21 -3.92
C GLN A 577 -17.10 -9.79 -4.21
N LEU A 578 -17.91 -9.06 -5.01
CA LEU A 578 -19.23 -9.57 -5.44
C LEU A 578 -19.19 -10.86 -6.24
N LEU A 579 -18.19 -11.04 -7.09
CA LEU A 579 -18.02 -12.28 -7.85
C LEU A 579 -17.75 -13.46 -6.89
N ASN A 580 -16.88 -13.21 -5.90
CA ASN A 580 -16.62 -14.16 -4.82
C ASN A 580 -17.92 -14.52 -4.09
N CYS A 581 -18.74 -13.52 -3.74
CA CYS A 581 -20.05 -13.76 -3.11
C CYS A 581 -20.96 -14.69 -3.91
N LEU A 582 -20.99 -14.50 -5.23
CA LEU A 582 -21.80 -15.33 -6.13
C LEU A 582 -21.33 -16.79 -6.12
N HIS A 583 -20.01 -16.99 -6.09
CA HIS A 583 -19.47 -18.34 -5.96
C HIS A 583 -19.88 -19.00 -4.64
N VAL A 584 -19.74 -18.26 -3.53
CA VAL A 584 -20.13 -18.73 -2.20
C VAL A 584 -21.60 -19.21 -2.18
N ILE A 585 -22.51 -18.36 -2.68
CA ILE A 585 -23.93 -18.70 -2.79
C ILE A 585 -24.18 -19.93 -3.68
N THR A 586 -23.45 -20.03 -4.80
CA THR A 586 -23.50 -21.19 -5.70
C THR A 586 -23.15 -22.49 -4.94
N LEU A 587 -22.04 -22.46 -4.20
CA LEU A 587 -21.61 -23.60 -3.37
C LEU A 587 -22.67 -23.98 -2.35
N TYR A 588 -23.25 -22.96 -1.71
CA TYR A 588 -24.32 -23.17 -0.75
C TYR A 588 -25.55 -23.83 -1.40
N ASN A 589 -25.97 -23.32 -2.56
CA ASN A 589 -27.12 -23.87 -3.29
C ASN A 589 -26.90 -25.32 -3.77
N ARG A 590 -25.69 -25.61 -4.21
CA ARG A 590 -25.30 -26.97 -4.61
C ARG A 590 -25.34 -27.97 -3.45
N ILE A 591 -24.87 -27.55 -2.27
CA ILE A 591 -24.99 -28.37 -1.06
C ILE A 591 -26.45 -28.63 -0.69
N LYS A 592 -27.27 -27.58 -0.64
CA LYS A 592 -28.71 -27.70 -0.35
C LYS A 592 -29.47 -28.62 -1.32
N LYS A 593 -29.05 -28.62 -2.58
CA LYS A 593 -29.62 -29.47 -3.62
C LYS A 593 -29.22 -30.95 -3.47
N GLU A 594 -27.96 -31.20 -3.12
CA GLU A 594 -27.43 -32.56 -2.93
C GLU A 594 -26.66 -32.70 -1.62
N PRO A 595 -27.37 -32.71 -0.47
CA PRO A 595 -26.72 -32.60 0.85
C PRO A 595 -25.72 -33.72 1.15
N ASN A 596 -25.99 -34.92 0.63
CA ASN A 596 -25.24 -36.11 1.00
C ASN A 596 -24.10 -36.45 0.04
N LYS A 597 -23.81 -35.50 -0.86
CA LYS A 597 -22.69 -35.56 -1.79
C LYS A 597 -21.45 -34.95 -1.13
N PHE A 598 -20.27 -35.53 -1.39
CA PHE A 598 -19.02 -34.99 -0.88
C PHE A 598 -18.58 -33.72 -1.60
N VAL A 599 -18.24 -32.70 -0.82
CA VAL A 599 -17.56 -31.50 -1.31
C VAL A 599 -16.33 -31.23 -0.45
N VAL A 600 -15.29 -30.67 -1.07
CA VAL A 600 -14.11 -30.22 -0.33
C VAL A 600 -14.54 -29.10 0.62
N PRO A 601 -14.31 -29.26 1.94
CA PRO A 601 -14.69 -28.23 2.91
C PRO A 601 -13.89 -26.94 2.68
N ARG A 602 -14.56 -25.80 2.84
CA ARG A 602 -13.95 -24.48 2.65
C ARG A 602 -14.26 -23.53 3.79
N THR A 603 -13.27 -22.73 4.14
CA THR A 603 -13.50 -21.52 4.92
C THR A 603 -13.22 -20.37 3.99
N VAL A 604 -14.29 -19.62 3.68
CA VAL A 604 -14.20 -18.44 2.83
C VAL A 604 -14.09 -17.22 3.73
N MET A 605 -12.96 -16.53 3.60
CA MET A 605 -12.66 -15.35 4.39
C MET A 605 -12.48 -14.14 3.48
N ILE A 606 -13.26 -13.10 3.78
CA ILE A 606 -13.21 -11.87 3.03
C ILE A 606 -13.01 -10.77 4.06
N GLY A 607 -12.06 -9.88 3.79
CA GLY A 607 -11.84 -8.73 4.68
C GLY A 607 -11.40 -7.51 3.92
N GLY A 608 -11.63 -6.34 4.51
CA GLY A 608 -11.23 -5.09 3.90
C GLY A 608 -12.14 -3.96 4.30
N LYS A 609 -11.61 -2.74 4.19
CA LYS A 609 -12.36 -1.56 4.58
C LYS A 609 -12.97 -0.90 3.36
N ALA A 610 -14.11 -0.27 3.60
CA ALA A 610 -14.76 0.59 2.62
C ALA A 610 -14.59 2.03 3.05
N ALA A 611 -14.36 2.93 2.08
CA ALA A 611 -14.36 4.36 2.38
C ALA A 611 -15.75 4.73 2.94
N PRO A 612 -15.80 5.58 4.01
CA PRO A 612 -17.08 5.88 4.69
C PRO A 612 -18.21 6.39 3.78
N GLY A 613 -17.86 7.10 2.70
CA GLY A 613 -18.88 7.63 1.78
C GLY A 613 -19.23 6.73 0.61
N TYR A 614 -18.60 5.55 0.52
CA TYR A 614 -18.75 4.64 -0.61
C TYR A 614 -19.88 3.66 -0.31
N HIS A 615 -21.09 4.07 -0.68
CA HIS A 615 -22.32 3.35 -0.34
C HIS A 615 -22.35 1.90 -0.86
N MET A 616 -22.00 1.70 -2.13
CA MET A 616 -22.00 0.35 -2.71
C MET A 616 -21.04 -0.59 -1.98
N ALA A 617 -19.84 -0.10 -1.64
CA ALA A 617 -18.86 -0.90 -0.89
C ALA A 617 -19.36 -1.26 0.50
N LYS A 618 -20.10 -0.34 1.13
CA LYS A 618 -20.73 -0.61 2.41
C LYS A 618 -21.83 -1.67 2.31
N MET A 619 -22.59 -1.64 1.20
CA MET A 619 -23.61 -2.64 0.93
C MET A 619 -23.01 -4.03 0.67
N ILE A 620 -21.85 -4.06 0.01
CA ILE A 620 -21.09 -5.32 -0.24
C ILE A 620 -20.66 -6.00 1.07
N ILE A 621 -20.16 -5.21 2.03
CA ILE A 621 -19.80 -5.73 3.36
C ILE A 621 -21.04 -6.34 4.03
N LYS A 622 -22.16 -5.61 4.01
CA LYS A 622 -23.41 -6.11 4.58
C LYS A 622 -23.87 -7.42 3.92
N LEU A 623 -23.72 -7.53 2.59
CA LEU A 623 -24.01 -8.77 1.87
C LEU A 623 -23.17 -9.95 2.38
N ILE A 624 -21.88 -9.74 2.56
CA ILE A 624 -20.95 -10.79 3.00
C ILE A 624 -21.38 -11.34 4.36
N THR A 625 -21.65 -10.45 5.31
CA THR A 625 -22.09 -10.85 6.65
C THR A 625 -23.48 -11.52 6.60
N ALA A 626 -24.37 -11.03 5.72
CA ALA A 626 -25.71 -11.62 5.58
C ALA A 626 -25.67 -13.05 5.04
N ILE A 627 -24.78 -13.30 4.07
CA ILE A 627 -24.51 -14.64 3.55
C ILE A 627 -23.99 -15.54 4.68
N GLY A 628 -23.01 -15.03 5.44
CA GLY A 628 -22.50 -15.70 6.64
C GLY A 628 -23.60 -16.11 7.62
N ASP A 629 -24.51 -15.17 7.90
CA ASP A 629 -25.66 -15.42 8.79
C ASP A 629 -26.50 -16.63 8.38
N VAL A 630 -26.71 -16.81 7.07
CA VAL A 630 -27.47 -17.94 6.53
C VAL A 630 -26.59 -19.21 6.53
N VAL A 631 -25.45 -19.13 5.85
CA VAL A 631 -24.60 -20.30 5.61
C VAL A 631 -24.07 -20.94 6.89
N ASN A 632 -23.58 -20.11 7.81
CA ASN A 632 -22.90 -20.59 9.02
C ASN A 632 -23.82 -21.24 10.06
N HIS A 633 -25.13 -21.06 9.90
CA HIS A 633 -26.11 -21.58 10.87
C HIS A 633 -27.05 -22.64 10.32
N ASP A 634 -26.80 -23.08 9.09
CA ASP A 634 -27.60 -24.08 8.42
C ASP A 634 -27.02 -25.46 8.76
N PRO A 635 -27.80 -26.28 9.53
CA PRO A 635 -27.28 -27.57 10.01
C PRO A 635 -26.92 -28.56 8.90
N VAL A 636 -27.63 -28.47 7.76
CA VAL A 636 -27.38 -29.33 6.61
C VAL A 636 -25.97 -29.12 6.02
N VAL A 637 -25.50 -27.88 6.07
CA VAL A 637 -24.14 -27.50 5.63
C VAL A 637 -23.08 -28.09 6.55
N GLY A 638 -23.30 -28.00 7.86
CA GLY A 638 -22.35 -28.50 8.86
C GLY A 638 -21.10 -27.64 8.87
N ASP A 639 -19.93 -28.29 8.91
CA ASP A 639 -18.67 -27.57 8.82
C ASP A 639 -18.05 -27.69 7.43
N ARG A 640 -18.90 -27.85 6.42
CA ARG A 640 -18.43 -27.98 5.04
C ARG A 640 -18.21 -26.64 4.35
N LEU A 641 -18.89 -25.60 4.83
CA LEU A 641 -18.75 -24.25 4.29
C LEU A 641 -18.96 -23.24 5.39
N ARG A 642 -17.99 -22.33 5.52
CA ARG A 642 -18.05 -21.23 6.46
C ARG A 642 -17.65 -19.94 5.77
N VAL A 643 -18.38 -18.87 6.07
CA VAL A 643 -18.13 -17.55 5.49
C VAL A 643 -17.88 -16.56 6.61
N ILE A 644 -16.65 -16.03 6.64
CA ILE A 644 -16.19 -15.14 7.71
C ILE A 644 -15.81 -13.80 7.08
N PHE A 645 -16.33 -12.71 7.65
CA PHE A 645 -15.80 -11.39 7.33
C PHE A 645 -14.73 -11.03 8.34
N LEU A 646 -13.51 -10.86 7.87
CA LEU A 646 -12.38 -10.49 8.72
C LEU A 646 -12.38 -8.99 8.98
N GLU A 647 -12.74 -8.64 10.21
CA GLU A 647 -12.87 -7.27 10.67
C GLU A 647 -11.53 -6.55 10.77
N ASN A 648 -11.55 -5.26 10.42
CA ASN A 648 -10.43 -4.35 10.64
C ASN A 648 -9.12 -4.77 9.95
N TYR A 649 -9.22 -5.18 8.68
CA TYR A 649 -8.07 -5.58 7.90
C TYR A 649 -7.08 -4.42 7.76
N ARG A 650 -5.82 -4.72 8.08
CA ARG A 650 -4.74 -3.75 8.23
C ARG A 650 -3.44 -4.57 8.14
N VAL A 651 -2.29 -3.89 8.18
CA VAL A 651 -0.98 -4.57 7.98
C VAL A 651 -0.76 -5.72 8.99
N SER A 652 -0.98 -5.48 10.28
CA SER A 652 -0.75 -6.53 11.27
C SER A 652 -1.71 -7.73 11.13
N LEU A 653 -2.93 -7.50 10.66
CA LEU A 653 -3.83 -8.61 10.33
C LEU A 653 -3.36 -9.38 9.07
N ALA A 654 -2.85 -8.66 8.07
CA ALA A 654 -2.29 -9.28 6.86
C ALA A 654 -1.15 -10.27 7.22
N GLU A 655 -0.32 -9.88 8.18
CA GLU A 655 0.82 -10.70 8.62
C GLU A 655 0.39 -12.00 9.27
N LYS A 656 -0.83 -12.03 9.80
CA LYS A 656 -1.44 -13.22 10.38
C LYS A 656 -2.19 -14.09 9.35
N VAL A 657 -3.04 -13.46 8.55
CA VAL A 657 -3.90 -14.24 7.64
C VAL A 657 -3.18 -14.78 6.39
N ILE A 658 -2.26 -13.99 5.81
CA ILE A 658 -1.57 -14.42 4.59
C ILE A 658 -0.79 -15.77 4.75
N PRO A 659 0.04 -15.93 5.81
CA PRO A 659 0.70 -17.25 6.03
C PRO A 659 -0.26 -18.43 6.23
N ALA A 660 -1.50 -18.15 6.63
CA ALA A 660 -2.53 -19.16 6.85
C ALA A 660 -3.35 -19.54 5.59
N ALA A 661 -3.19 -18.81 4.49
CA ALA A 661 -4.06 -19.02 3.33
C ALA A 661 -3.64 -20.18 2.43
N ASP A 662 -4.62 -20.91 1.92
CA ASP A 662 -4.44 -21.88 0.84
C ASP A 662 -4.68 -21.31 -0.55
N LEU A 663 -5.75 -20.52 -0.67
CA LEU A 663 -6.16 -19.95 -1.95
C LEU A 663 -6.29 -18.43 -1.85
N SER A 664 -5.63 -17.75 -2.78
CA SER A 664 -5.56 -16.31 -2.89
C SER A 664 -6.48 -15.82 -4.02
N GLU A 665 -7.44 -14.98 -3.67
CA GLU A 665 -8.44 -14.48 -4.63
C GLU A 665 -7.99 -13.15 -5.22
N GLN A 666 -7.65 -13.18 -6.51
CA GLN A 666 -7.14 -12.01 -7.24
C GLN A 666 -7.94 -11.83 -8.53
N ILE A 667 -9.16 -11.32 -8.38
CA ILE A 667 -10.23 -11.54 -9.37
C ILE A 667 -10.82 -10.24 -9.94
N SER A 668 -10.01 -9.18 -9.96
CA SER A 668 -10.38 -7.92 -10.59
C SER A 668 -10.67 -8.12 -12.08
N THR A 669 -11.58 -7.31 -12.63
CA THR A 669 -11.83 -7.32 -14.08
C THR A 669 -10.54 -6.97 -14.80
N ALA A 670 -10.21 -7.75 -15.84
CA ALA A 670 -9.01 -7.53 -16.62
C ALA A 670 -8.87 -6.05 -17.05
N GLY A 671 -7.72 -5.45 -16.74
CA GLY A 671 -7.43 -4.07 -17.11
C GLY A 671 -7.71 -3.02 -16.03
N THR A 672 -8.13 -3.46 -14.83
CA THR A 672 -8.52 -2.51 -13.78
C THR A 672 -7.54 -2.43 -12.60
N GLU A 673 -6.91 -3.55 -12.22
CA GLU A 673 -5.97 -3.56 -11.10
C GLU A 673 -4.60 -3.33 -11.70
N ALA A 674 -4.01 -2.14 -11.48
CA ALA A 674 -2.76 -1.76 -12.14
C ALA A 674 -1.64 -2.81 -11.92
N SER A 675 -1.48 -3.24 -10.67
CA SER A 675 -0.50 -4.27 -10.32
C SER A 675 -1.08 -5.25 -9.31
N GLY A 676 -1.45 -4.73 -8.14
CA GLY A 676 -1.69 -5.54 -6.97
C GLY A 676 -0.36 -5.83 -6.28
N THR A 677 -0.39 -5.99 -4.97
CA THR A 677 0.79 -6.44 -4.21
C THR A 677 0.44 -7.54 -3.21
N GLY A 678 -0.83 -7.56 -2.78
CA GLY A 678 -1.35 -8.65 -1.94
C GLY A 678 -1.15 -9.99 -2.65
N ASN A 679 -1.40 -9.99 -3.97
CA ASN A 679 -1.16 -11.17 -4.82
C ASN A 679 0.24 -11.78 -4.60
N MET A 680 1.26 -10.91 -4.60
CA MET A 680 2.65 -11.30 -4.36
C MET A 680 2.91 -11.84 -2.95
N LYS A 681 2.28 -11.22 -1.95
CA LYS A 681 2.39 -11.68 -0.55
C LYS A 681 1.90 -13.11 -0.38
N PHE A 682 0.76 -13.45 -0.98
CA PHE A 682 0.20 -14.81 -0.94
C PHE A 682 1.11 -15.85 -1.64
N MET A 683 1.69 -15.45 -2.78
CA MET A 683 2.57 -16.34 -3.56
C MET A 683 3.82 -16.73 -2.76
N LEU A 684 4.40 -15.75 -2.08
CA LEU A 684 5.57 -15.96 -1.23
C LEU A 684 5.31 -16.88 -0.04
N ASN A 685 4.05 -16.92 0.40
CA ASN A 685 3.67 -17.60 1.63
C ASN A 685 2.95 -18.94 1.47
N GLY A 686 2.94 -19.46 0.24
CA GLY A 686 2.48 -20.83 0.00
C GLY A 686 1.00 -21.01 -0.26
N ALA A 687 0.36 -19.97 -0.80
CA ALA A 687 -1.00 -20.11 -1.29
C ALA A 687 -0.97 -20.21 -2.81
N LEU A 688 -1.91 -20.96 -3.38
CA LEU A 688 -2.08 -20.96 -4.83
C LEU A 688 -3.02 -19.79 -5.19
N THR A 689 -2.95 -19.32 -6.43
CA THR A 689 -3.71 -18.13 -6.85
C THR A 689 -4.81 -18.51 -7.84
N ILE A 690 -6.04 -18.09 -7.52
CA ILE A 690 -7.10 -17.99 -8.54
C ILE A 690 -7.24 -16.52 -8.96
N GLY A 691 -7.10 -16.27 -10.25
CA GLY A 691 -7.06 -14.91 -10.73
C GLY A 691 -7.25 -14.72 -12.21
N THR A 692 -7.64 -13.49 -12.55
CA THR A 692 -7.71 -13.03 -13.91
C THR A 692 -6.33 -12.62 -14.40
N MET A 693 -6.19 -12.49 -15.71
CA MET A 693 -4.98 -11.98 -16.32
C MET A 693 -4.94 -10.45 -16.19
N ASP A 694 -4.75 -9.97 -14.96
CA ASP A 694 -4.78 -8.55 -14.65
C ASP A 694 -3.56 -8.17 -13.82
N GLY A 695 -3.09 -6.93 -13.98
CA GLY A 695 -1.98 -6.43 -13.17
C GLY A 695 -0.79 -7.35 -13.15
N ALA A 696 -0.23 -7.56 -11.97
CA ALA A 696 0.96 -8.39 -11.83
C ALA A 696 0.66 -9.89 -11.88
N ASN A 697 -0.62 -10.28 -11.79
CA ASN A 697 -1.02 -11.69 -11.98
C ASN A 697 -0.41 -12.29 -13.25
N VAL A 698 -0.37 -11.49 -14.32
CA VAL A 698 0.19 -11.90 -15.62
C VAL A 698 1.66 -12.32 -15.48
N GLU A 699 2.43 -11.50 -14.76
CA GLU A 699 3.86 -11.76 -14.60
C GLU A 699 4.10 -12.90 -13.64
N MET A 700 3.27 -13.02 -12.61
CA MET A 700 3.32 -14.14 -11.66
C MET A 700 3.10 -15.49 -12.36
N ALA A 701 2.05 -15.56 -13.20
CA ALA A 701 1.74 -16.75 -14.00
C ALA A 701 2.87 -17.09 -14.98
N GLU A 702 3.46 -16.05 -15.56
CA GLU A 702 4.60 -16.19 -16.45
C GLU A 702 5.85 -16.74 -15.72
N GLU A 703 6.09 -16.26 -14.51
CA GLU A 703 7.20 -16.76 -13.68
C GLU A 703 6.99 -18.22 -13.25
N ALA A 704 5.81 -18.54 -12.73
CA ALA A 704 5.53 -19.88 -12.19
C ALA A 704 5.21 -20.95 -13.25
N GLY A 705 4.71 -20.50 -14.41
CA GLY A 705 4.14 -21.39 -15.40
C GLY A 705 2.63 -21.37 -15.25
N GLU A 706 1.93 -21.12 -16.36
CA GLU A 706 0.46 -21.03 -16.37
C GLU A 706 -0.25 -22.25 -15.80
N GLU A 707 0.38 -23.42 -15.99
CA GLU A 707 -0.12 -24.68 -15.43
C GLU A 707 -0.10 -24.70 -13.89
N ASN A 708 0.68 -23.82 -13.27
CA ASN A 708 0.80 -23.75 -11.80
C ASN A 708 0.01 -22.59 -11.19
N PHE A 709 -0.91 -22.07 -12.00
CA PHE A 709 -1.81 -20.97 -11.65
C PHE A 709 -3.24 -21.29 -12.03
N PHE A 710 -4.20 -20.72 -11.31
CA PHE A 710 -5.61 -20.92 -11.64
C PHE A 710 -6.17 -19.68 -12.33
N ILE A 711 -5.94 -19.62 -13.64
CA ILE A 711 -6.32 -18.48 -14.47
C ILE A 711 -7.69 -18.74 -15.08
N PHE A 712 -8.53 -17.72 -15.07
CA PHE A 712 -9.86 -17.79 -15.67
C PHE A 712 -10.23 -16.42 -16.23
N GLY A 713 -11.28 -16.40 -17.05
CA GLY A 713 -11.99 -15.18 -17.36
C GLY A 713 -11.51 -14.42 -18.57
N MET A 714 -12.18 -13.31 -18.82
CA MET A 714 -11.86 -12.42 -19.92
C MET A 714 -10.45 -11.86 -19.79
N ARG A 715 -9.77 -11.74 -20.92
CA ARG A 715 -8.55 -10.93 -21.01
C ARG A 715 -8.98 -9.50 -21.32
N VAL A 716 -8.05 -8.56 -21.22
CA VAL A 716 -8.28 -7.16 -21.57
C VAL A 716 -8.98 -7.02 -22.94
N GLU A 717 -8.50 -7.79 -23.94
CA GLU A 717 -9.05 -7.80 -25.30
C GLU A 717 -10.51 -8.26 -25.36
N ASP A 718 -10.87 -9.23 -24.51
CA ASP A 718 -12.25 -9.71 -24.39
C ASP A 718 -13.15 -8.63 -23.80
N VAL A 719 -12.65 -7.91 -22.80
CA VAL A 719 -13.39 -6.79 -22.19
C VAL A 719 -13.69 -5.67 -23.22
N ASP A 720 -12.65 -5.29 -23.98
CA ASP A 720 -12.76 -4.32 -25.08
C ASP A 720 -13.83 -4.72 -26.11
N ARG A 721 -13.76 -5.97 -26.57
CA ARG A 721 -14.75 -6.54 -27.49
C ARG A 721 -16.17 -6.48 -26.94
N LEU A 722 -16.33 -6.78 -25.65
CA LEU A 722 -17.64 -6.76 -25.01
C LEU A 722 -18.17 -5.32 -24.90
N ASP A 723 -17.26 -4.38 -24.61
CA ASP A 723 -17.59 -2.94 -24.55
C ASP A 723 -18.06 -2.37 -25.90
N GLN A 724 -17.41 -2.78 -26.98
CA GLN A 724 -17.76 -2.30 -28.32
C GLN A 724 -19.16 -2.76 -28.74
N ARG A 725 -19.46 -4.01 -28.44
CA ARG A 725 -20.76 -4.61 -28.66
C ARG A 725 -21.82 -4.05 -27.69
N GLY A 726 -21.41 -3.80 -26.45
CA GLY A 726 -22.31 -3.41 -25.38
C GLY A 726 -22.57 -4.54 -24.40
N TYR A 727 -22.25 -4.31 -23.13
CA TYR A 727 -22.45 -5.31 -22.10
C TYR A 727 -23.92 -5.40 -21.69
N ASN A 728 -24.52 -6.56 -21.88
CA ASN A 728 -25.89 -6.82 -21.49
C ASN A 728 -25.96 -7.95 -20.47
N ALA A 729 -26.14 -7.57 -19.21
CA ALA A 729 -26.17 -8.52 -18.10
C ALA A 729 -27.35 -9.50 -18.16
N GLN A 730 -28.49 -9.03 -18.66
CA GLN A 730 -29.71 -9.85 -18.81
C GLN A 730 -29.44 -11.17 -19.55
N GLU A 731 -28.59 -11.10 -20.57
CA GLU A 731 -28.23 -12.25 -21.38
C GLU A 731 -27.67 -13.42 -20.54
N TYR A 732 -26.78 -13.09 -19.60
CA TYR A 732 -26.19 -14.08 -18.70
C TYR A 732 -27.23 -14.64 -17.74
N TYR A 733 -28.06 -13.75 -17.20
CA TYR A 733 -29.18 -14.12 -16.32
C TYR A 733 -30.12 -15.11 -17.03
N ASP A 734 -30.43 -14.82 -18.30
CA ASP A 734 -31.33 -15.65 -19.10
C ASP A 734 -30.75 -17.04 -19.38
N ARG A 735 -29.43 -17.12 -19.55
CA ARG A 735 -28.78 -18.36 -20.03
C ARG A 735 -28.18 -19.23 -18.93
N ILE A 736 -28.02 -18.69 -17.72
CA ILE A 736 -27.37 -19.47 -16.65
C ILE A 736 -28.35 -19.67 -15.49
N PRO A 737 -28.97 -20.87 -15.38
CA PRO A 737 -30.01 -21.09 -14.35
C PRO A 737 -29.51 -20.91 -12.91
N GLU A 738 -28.28 -21.33 -12.62
CA GLU A 738 -27.69 -21.14 -11.29
C GLU A 738 -27.53 -19.66 -10.93
N LEU A 739 -27.15 -18.84 -11.90
CA LEU A 739 -27.04 -17.38 -11.71
C LEU A 739 -28.39 -16.73 -11.44
N ARG A 740 -29.41 -17.13 -12.21
CA ARG A 740 -30.79 -16.64 -12.06
C ARG A 740 -31.33 -16.90 -10.65
N GLN A 741 -31.10 -18.12 -10.14
CA GLN A 741 -31.53 -18.49 -8.78
C GLN A 741 -30.91 -17.62 -7.69
N ILE A 742 -29.62 -17.29 -7.85
CA ILE A 742 -28.94 -16.42 -6.88
C ILE A 742 -29.56 -15.02 -6.87
N ILE A 743 -29.79 -14.48 -8.07
CA ILE A 743 -30.40 -13.15 -8.22
C ILE A 743 -31.82 -13.14 -7.64
N GLU A 744 -32.56 -14.22 -7.85
CA GLU A 744 -33.89 -14.34 -7.30
C GLU A 744 -33.86 -14.43 -5.77
N GLN A 745 -32.89 -15.16 -5.22
CA GLN A 745 -32.68 -15.21 -3.78
C GLN A 745 -32.35 -13.83 -3.20
N LEU A 746 -31.47 -13.09 -3.87
CA LEU A 746 -31.09 -11.75 -3.45
C LEU A 746 -32.29 -10.79 -3.46
N SER A 747 -33.01 -10.76 -4.59
CA SER A 747 -34.18 -9.90 -4.77
C SER A 747 -35.33 -10.19 -3.81
N SER A 748 -35.58 -11.47 -3.53
CA SER A 748 -36.77 -11.88 -2.78
C SER A 748 -36.64 -11.86 -1.26
N GLY A 749 -35.43 -11.61 -0.76
CA GLY A 749 -35.21 -11.44 0.67
C GLY A 749 -34.72 -12.67 1.41
N PHE A 750 -34.21 -13.66 0.66
CA PHE A 750 -33.64 -14.88 1.22
C PHE A 750 -32.51 -14.61 2.23
N PHE A 751 -31.65 -13.65 1.91
CA PHE A 751 -30.52 -13.28 2.77
C PHE A 751 -30.82 -12.10 3.69
N SER A 752 -32.04 -11.58 3.62
CA SER A 752 -32.49 -10.49 4.50
C SER A 752 -34.00 -10.60 4.79
N PRO A 753 -34.41 -11.61 5.60
CA PRO A 753 -35.84 -11.92 5.76
C PRO A 753 -36.66 -10.77 6.35
N LYS A 754 -36.06 -10.00 7.25
CA LYS A 754 -36.73 -8.88 7.91
C LYS A 754 -36.77 -7.60 7.09
N GLN A 755 -35.89 -7.50 6.07
CA GLN A 755 -35.90 -6.40 5.11
C GLN A 755 -35.75 -6.99 3.70
N PRO A 756 -36.87 -7.44 3.08
CA PRO A 756 -36.76 -8.21 1.83
C PRO A 756 -36.10 -7.49 0.65
N ASP A 757 -36.16 -6.16 0.64
CA ASP A 757 -35.57 -5.38 -0.45
C ASP A 757 -34.22 -4.74 -0.10
N LEU A 758 -33.61 -5.19 1.00
CA LEU A 758 -32.32 -4.64 1.47
C LEU A 758 -31.25 -4.53 0.37
N PHE A 759 -31.18 -5.55 -0.49
CA PHE A 759 -30.11 -5.66 -1.48
C PHE A 759 -30.54 -5.26 -2.89
N LYS A 760 -31.61 -4.47 -2.98
CA LYS A 760 -32.13 -4.00 -4.29
C LYS A 760 -31.11 -3.17 -5.07
N ASP A 761 -30.32 -2.36 -4.37
CA ASP A 761 -29.27 -1.55 -4.99
C ASP A 761 -28.22 -2.45 -5.67
N ILE A 762 -27.84 -3.53 -4.97
CA ILE A 762 -26.87 -4.49 -5.51
C ILE A 762 -27.42 -5.19 -6.76
N VAL A 763 -28.63 -5.74 -6.67
CA VAL A 763 -29.29 -6.41 -7.80
C VAL A 763 -29.40 -5.46 -9.00
N ASN A 764 -29.82 -4.22 -8.73
CA ASN A 764 -30.01 -3.23 -9.79
C ASN A 764 -28.71 -2.91 -10.50
N MET A 765 -27.63 -2.72 -9.73
CA MET A 765 -26.32 -2.44 -10.30
C MET A 765 -25.85 -3.62 -11.18
N LEU A 766 -25.96 -4.83 -10.66
CA LEU A 766 -25.52 -6.03 -11.40
C LEU A 766 -26.27 -6.22 -12.73
N MET A 767 -27.58 -6.00 -12.70
CA MET A 767 -28.45 -6.16 -13.86
C MET A 767 -28.37 -5.03 -14.90
N HIS A 768 -28.15 -3.80 -14.46
CA HIS A 768 -28.32 -2.62 -15.34
C HIS A 768 -27.13 -1.68 -15.54
N HIS A 769 -26.23 -1.57 -14.55
CA HIS A 769 -25.08 -0.66 -14.71
C HIS A 769 -23.80 -1.15 -14.02
N ASP A 770 -23.45 -2.40 -14.32
CA ASP A 770 -22.23 -3.01 -13.80
C ASP A 770 -21.07 -2.64 -14.72
N ARG A 771 -20.28 -1.66 -14.29
CA ARG A 771 -19.05 -1.28 -14.99
C ARG A 771 -18.03 -2.42 -15.09
N PHE A 772 -18.13 -3.40 -14.20
CA PHE A 772 -17.05 -4.40 -14.06
C PHE A 772 -17.39 -5.85 -14.46
N LYS A 773 -18.56 -6.01 -15.10
CA LYS A 773 -18.92 -7.21 -15.84
C LYS A 773 -18.80 -8.49 -14.99
N VAL A 774 -19.36 -8.43 -13.79
CA VAL A 774 -19.38 -9.54 -12.84
C VAL A 774 -19.95 -10.81 -13.48
N PHE A 775 -21.12 -10.71 -14.11
CA PHE A 775 -21.78 -11.86 -14.73
C PHE A 775 -20.94 -12.50 -15.84
N ALA A 776 -20.23 -11.69 -16.61
CA ALA A 776 -19.45 -12.18 -17.77
C ALA A 776 -18.35 -13.16 -17.41
N ASP A 777 -17.84 -13.09 -16.18
CA ASP A 777 -16.81 -14.00 -15.71
C ASP A 777 -17.34 -15.11 -14.79
N TYR A 778 -18.64 -15.10 -14.49
CA TYR A 778 -19.21 -16.01 -13.51
C TYR A 778 -19.00 -17.50 -13.85
N GLU A 779 -19.38 -17.92 -15.06
CA GLU A 779 -19.28 -19.33 -15.46
C GLU A 779 -17.85 -19.88 -15.42
N GLU A 780 -16.90 -19.17 -16.02
CA GLU A 780 -15.49 -19.54 -15.99
C GLU A 780 -14.89 -19.58 -14.57
N TYR A 781 -15.34 -18.67 -13.72
CA TYR A 781 -14.88 -18.60 -12.33
C TYR A 781 -15.34 -19.81 -11.54
N VAL A 782 -16.62 -20.16 -11.65
CA VAL A 782 -17.16 -21.33 -10.96
C VAL A 782 -16.45 -22.62 -11.41
N LYS A 783 -16.26 -22.78 -12.72
CA LYS A 783 -15.56 -23.93 -13.28
C LYS A 783 -14.11 -24.01 -12.82
N CYS A 784 -13.43 -22.87 -12.81
CA CYS A 784 -12.04 -22.80 -12.34
C CYS A 784 -11.92 -23.19 -10.85
N GLN A 785 -12.87 -22.73 -10.02
CA GLN A 785 -12.99 -23.08 -8.61
C GLN A 785 -13.19 -24.59 -8.34
N GLU A 786 -13.84 -25.29 -9.28
CA GLU A 786 -13.99 -26.75 -9.22
C GLU A 786 -12.63 -27.42 -9.40
N ARG A 787 -11.81 -26.89 -10.32
CA ARG A 787 -10.45 -27.40 -10.52
C ARG A 787 -9.55 -27.19 -9.29
N VAL A 788 -9.74 -26.09 -8.57
CA VAL A 788 -9.07 -25.83 -7.29
C VAL A 788 -9.43 -26.93 -6.28
N SER A 789 -10.73 -27.18 -6.13
CA SER A 789 -11.26 -28.20 -5.20
C SER A 789 -10.73 -29.61 -5.51
N ALA A 790 -10.67 -29.94 -6.80
CA ALA A 790 -10.07 -31.20 -7.28
C ALA A 790 -8.61 -31.35 -6.88
N LEU A 791 -7.79 -30.33 -7.11
CA LEU A 791 -6.38 -30.38 -6.72
C LEU A 791 -6.18 -30.49 -5.20
N TYR A 792 -7.03 -29.81 -4.43
CA TYR A 792 -6.91 -29.81 -2.96
C TYR A 792 -7.14 -31.20 -2.33
N LYS A 793 -7.96 -32.03 -3.00
CA LYS A 793 -8.16 -33.46 -2.68
C LYS A 793 -6.90 -34.33 -2.74
N ASN A 794 -5.87 -33.86 -3.44
CA ASN A 794 -4.59 -34.55 -3.56
C ASN A 794 -3.48 -33.70 -2.93
N PRO A 795 -3.33 -33.80 -1.57
CA PRO A 795 -2.40 -32.93 -0.80
C PRO A 795 -0.98 -32.87 -1.36
N ARG A 796 -0.45 -34.02 -1.78
CA ARG A 796 0.90 -34.10 -2.34
C ARG A 796 1.06 -33.23 -3.58
N GLU A 797 0.11 -33.31 -4.51
CA GLU A 797 0.18 -32.54 -5.75
C GLU A 797 -0.12 -31.06 -5.54
N TRP A 798 -1.02 -30.75 -4.58
CA TRP A 798 -1.27 -29.37 -4.15
C TRP A 798 0.06 -28.75 -3.68
N THR A 799 0.72 -29.41 -2.73
CA THR A 799 1.98 -28.94 -2.15
C THR A 799 3.09 -28.79 -3.18
N ARG A 800 3.15 -29.70 -4.16
CA ARG A 800 4.16 -29.60 -5.22
C ARG A 800 3.97 -28.35 -6.07
N MET A 801 2.72 -28.04 -6.41
CA MET A 801 2.37 -26.81 -7.12
C MET A 801 2.73 -25.56 -6.29
N VAL A 802 2.43 -25.62 -5.00
CA VAL A 802 2.83 -24.60 -4.02
C VAL A 802 4.34 -24.36 -4.10
N ILE A 803 5.13 -25.45 -4.04
CA ILE A 803 6.60 -25.33 -4.12
C ILE A 803 7.02 -24.60 -5.40
N ARG A 804 6.38 -24.92 -6.51
CA ARG A 804 6.69 -24.26 -7.79
C ARG A 804 6.36 -22.74 -7.77
N ASN A 805 5.34 -22.36 -7.01
CA ASN A 805 4.98 -20.94 -6.82
C ASN A 805 6.02 -20.21 -5.96
N ILE A 806 6.31 -20.75 -4.78
CA ILE A 806 7.31 -20.15 -3.86
C ILE A 806 8.67 -19.98 -4.55
N ALA A 807 9.08 -21.03 -5.27
CA ALA A 807 10.39 -21.09 -5.92
C ALA A 807 10.58 -20.07 -7.05
N THR A 808 9.48 -19.59 -7.62
CA THR A 808 9.54 -18.61 -8.72
C THR A 808 9.00 -17.21 -8.32
N SER A 809 8.86 -16.96 -7.02
CA SER A 809 8.36 -15.68 -6.53
C SER A 809 9.43 -14.56 -6.42
N GLY A 810 10.69 -14.94 -6.68
CA GLY A 810 11.85 -14.03 -6.55
C GLY A 810 11.77 -12.69 -7.25
N LYS A 811 11.20 -12.68 -8.47
CA LYS A 811 11.03 -11.44 -9.25
C LYS A 811 10.26 -10.34 -8.46
N PHE A 812 9.42 -10.76 -7.52
CA PHE A 812 8.47 -9.87 -6.86
C PHE A 812 8.95 -9.30 -5.52
N SER A 813 10.26 -9.44 -5.29
CA SER A 813 10.93 -8.71 -4.23
C SER A 813 11.04 -7.25 -4.60
N SER A 814 10.65 -6.37 -3.67
CA SER A 814 10.87 -4.95 -3.85
C SER A 814 12.35 -4.55 -3.98
N ASP A 815 13.29 -5.45 -3.63
CA ASP A 815 14.72 -5.19 -3.88
C ASP A 815 15.02 -5.12 -5.38
N ARG A 816 14.37 -6.00 -6.16
CA ARG A 816 14.48 -5.98 -7.63
C ARG A 816 13.85 -4.68 -8.16
N THR A 817 12.63 -4.36 -7.70
CA THR A 817 11.94 -3.13 -8.11
C THR A 817 12.82 -1.90 -7.89
N ILE A 818 13.37 -1.78 -6.67
CA ILE A 818 14.16 -0.60 -6.29
C ILE A 818 15.49 -0.53 -7.07
N ALA A 819 16.13 -1.69 -7.28
CA ALA A 819 17.33 -1.72 -8.12
C ALA A 819 17.04 -1.19 -9.53
N GLN A 820 15.85 -1.48 -10.05
CA GLN A 820 15.45 -0.98 -11.37
C GLN A 820 15.18 0.53 -11.36
N TYR A 821 14.50 1.02 -10.32
CA TYR A 821 14.33 2.47 -10.15
C TYR A 821 15.68 3.16 -10.06
N ALA A 822 16.57 2.61 -9.23
CA ALA A 822 17.89 3.22 -9.00
C ALA A 822 18.69 3.34 -10.30
N ARG A 823 18.71 2.26 -11.09
CA ARG A 823 19.52 2.24 -12.32
C ARG A 823 18.89 2.96 -13.51
N GLU A 824 17.58 2.77 -13.69
CA GLU A 824 16.90 3.26 -14.90
C GLU A 824 16.23 4.64 -14.74
N ILE A 825 16.02 5.05 -13.49
CA ILE A 825 15.38 6.35 -13.24
C ILE A 825 16.29 7.30 -12.45
N TRP A 826 16.78 6.86 -11.29
CA TRP A 826 17.47 7.79 -10.39
C TRP A 826 18.94 7.98 -10.71
N GLY A 827 19.51 7.06 -11.49
CA GLY A 827 20.91 7.09 -11.90
C GLY A 827 21.88 6.88 -10.74
N VAL A 828 21.61 5.89 -9.91
CA VAL A 828 22.46 5.55 -8.76
C VAL A 828 22.63 4.04 -8.70
N GLU A 829 23.78 3.61 -8.16
CA GLU A 829 24.06 2.19 -8.01
C GLU A 829 23.74 1.70 -6.61
N PRO A 830 22.90 0.65 -6.52
CA PRO A 830 22.67 -0.01 -5.23
C PRO A 830 23.92 -0.72 -4.70
N SER A 831 24.02 -0.86 -3.38
CA SER A 831 25.15 -1.49 -2.71
C SER A 831 24.67 -2.51 -1.66
N ARG A 832 25.24 -3.70 -1.68
CA ARG A 832 24.94 -4.70 -0.65
C ARG A 832 25.93 -4.66 0.52
N GLN A 833 26.92 -3.77 0.43
CA GLN A 833 28.01 -3.66 1.41
C GLN A 833 27.58 -3.06 2.75
N ARG A 834 28.04 -3.69 3.83
CA ARG A 834 27.81 -3.27 5.20
C ARG A 834 28.58 -1.99 5.55
N LEU A 835 27.92 -1.11 6.30
CA LEU A 835 28.62 -0.05 7.04
C LEU A 835 29.19 -0.69 8.32
N PRO A 836 30.30 -0.11 8.88
CA PRO A 836 30.86 -0.63 10.15
C PRO A 836 29.89 -0.54 11.32
N ALA A 837 29.85 -1.60 12.13
CA ALA A 837 28.87 -1.73 13.23
C ALA A 837 29.16 -0.84 14.43
N1 PLP B . -3.92 -3.46 2.45
C2 PLP B . -3.01 -4.01 3.27
C2A PLP B . -3.17 -3.87 4.76
C3 PLP B . -1.85 -4.73 2.71
O3 PLP B . -0.90 -5.31 3.51
C4 PLP B . -1.76 -4.82 1.23
C4A PLP B . -0.64 -5.53 0.50
C5 PLP B . -2.83 -4.16 0.44
C6 PLP B . -3.86 -3.50 1.10
C5A PLP B . -2.80 -4.23 -1.08
O4P PLP B . -3.50 -5.44 -1.43
P PLP B . -4.05 -5.64 -2.93
O1P PLP B . -4.72 -6.99 -2.83
O2P PLP B . -5.04 -4.52 -3.13
O3P PLP B . -2.86 -5.55 -3.84
C1 REF C . -17.59 8.14 -2.71
C2 REF C . -16.52 7.14 -2.98
C3 REF C . -16.65 6.27 -4.17
C4 REF C . -17.84 6.42 -5.05
O5 REF C . -18.82 7.36 -4.76
C6 REF C . -18.75 8.21 -3.66
C7 REF C . -15.59 5.28 -4.46
C8 REF C . -15.70 4.46 -5.59
C9 REF C . -16.80 4.54 -6.46
C10 REF C . -17.90 5.52 -6.23
C11 REF C . -15.33 6.99 -2.12
O12 REF C . -14.35 6.05 -2.41
C13 REF C . -14.43 5.21 -3.52
C14 REF C . -17.50 8.99 -1.60
C15 REF C . -16.40 8.91 -0.73
C16 REF C . -15.30 7.93 -0.95
O19 REF C . -18.97 5.60 -7.08
O20 REF C . -16.83 3.70 -7.54
O21 REF C . -13.51 4.38 -3.75
O22 REF C . -14.26 7.91 -0.08
O23 REF C . -16.36 9.74 0.34
O24 REF C . -19.67 9.04 -3.45
#